data_7L0B
#
_entry.id   7L0B
#
_cell.length_a   93.672
_cell.length_b   44.757
_cell.length_c   105.041
_cell.angle_alpha   90.000
_cell.angle_beta   96.730
_cell.angle_gamma   90.000
#
_symmetry.space_group_name_H-M   'P 1 21 1'
#
loop_
_entity.id
_entity.type
_entity.pdbx_description
1 polymer 'Hydroxyacylglutathione hydrolase'
2 non-polymer 'ZINC ION'
3 non-polymer 'SULFATE ION'
4 water water
#
_entity_poly.entity_id   1
_entity_poly.type   'polypeptide(L)'
_entity_poly.pdbx_seq_one_letter_code
;H(MSE)AS(MSE)RISSLTLGLVDTNTYFIENDKAVILIDPSGESEKIIKKLNQINKPLKAILLTHAHFDHIGAVDDIVD
RFDVPVY(MSE)HEAEFDFLKDPVKNGADKFKQYGLPIITSKVTPEKLNEGSTEIEGFKFNVLHTPGHSPGSLTYVFDEF
AVVGDTLFNNGIGRTDLYKGDYETLVDSIQDKIFELEGDLPLFPGHGPYTTVDDEQLNPFLHG
;
_entity_poly.pdbx_strand_id   A,B,C,D
#
# COMPACT_ATOMS: atom_id res chain seq x y z
N SER A 4 14.02 -13.74 -18.31
CA SER A 4 13.56 -13.59 -16.93
C SER A 4 12.45 -12.55 -16.83
N ARG A 6 9.41 -10.28 -19.29
CA ARG A 6 8.69 -10.14 -20.54
C ARG A 6 8.03 -8.77 -20.57
N ILE A 7 8.24 -8.03 -21.66
CA ILE A 7 7.71 -6.67 -21.78
C ILE A 7 6.67 -6.69 -22.89
N SER A 8 5.48 -6.20 -22.56
CA SER A 8 4.39 -6.11 -23.52
C SER A 8 3.98 -4.65 -23.64
N SER A 9 3.24 -4.32 -24.69
CA SER A 9 2.78 -2.94 -24.77
C SER A 9 1.42 -2.86 -25.45
N LEU A 10 0.72 -1.77 -25.12
CA LEU A 10 -0.43 -1.29 -25.83
C LEU A 10 -0.16 0.15 -26.24
N THR A 11 -0.66 0.56 -27.39
CA THR A 11 -0.58 1.95 -27.84
C THR A 11 -1.99 2.54 -27.81
N LEU A 12 -2.19 3.55 -26.96
CA LEU A 12 -3.51 3.96 -26.52
C LEU A 12 -3.68 5.48 -26.50
N GLY A 13 -4.94 5.91 -26.45
CA GLY A 13 -5.24 7.29 -26.15
C GLY A 13 -5.16 8.22 -27.35
N LEU A 14 -5.37 9.51 -27.05
CA LEU A 14 -5.47 10.53 -28.08
C LEU A 14 -4.19 10.65 -28.90
N VAL A 15 -3.03 10.51 -28.26
CA VAL A 15 -1.77 10.76 -28.95
C VAL A 15 -0.91 9.51 -28.99
N ASP A 16 -1.53 8.33 -28.95
CA ASP A 16 -0.86 7.08 -29.29
C ASP A 16 0.34 6.87 -28.37
N THR A 17 0.04 6.79 -27.09
CA THR A 17 1.06 6.58 -26.05
C THR A 17 1.30 5.09 -25.88
N ASN A 18 2.56 4.70 -25.73
CA ASN A 18 2.90 3.30 -25.42
C ASN A 18 2.83 3.08 -23.91
N THR A 19 1.94 2.19 -23.48
CA THR A 19 1.85 1.73 -22.09
C THR A 19 2.52 0.37 -22.01
N TYR A 20 3.41 0.17 -21.04
CA TYR A 20 4.19 -1.05 -21.00
C TYR A 20 3.83 -1.92 -19.79
N PHE A 21 3.82 -3.24 -20.03
CA PHE A 21 3.63 -4.27 -19.01
C PHE A 21 4.94 -5.03 -18.84
N ILE A 22 5.50 -4.99 -17.63
CA ILE A 22 6.75 -5.68 -17.33
C ILE A 22 6.40 -6.85 -16.41
N GLU A 23 6.59 -8.08 -16.90
CA GLU A 23 6.27 -9.31 -16.17
C GLU A 23 7.53 -10.03 -15.72
N ASN A 24 7.55 -10.50 -14.48
CA ASN A 24 8.48 -11.56 -14.14
C ASN A 24 7.71 -12.86 -13.96
N ASP A 25 8.33 -13.85 -13.31
CA ASP A 25 7.70 -15.15 -13.23
C ASP A 25 6.43 -15.14 -12.38
N LYS A 26 6.23 -14.12 -11.56
CA LYS A 26 5.14 -14.14 -10.59
C LYS A 26 4.38 -12.83 -10.44
N ALA A 27 4.76 -11.76 -11.12
CA ALA A 27 4.09 -10.48 -10.94
C ALA A 27 4.26 -9.61 -12.17
N VAL A 28 3.59 -8.46 -12.16
CA VAL A 28 3.64 -7.51 -13.26
C VAL A 28 3.65 -6.10 -12.70
N ILE A 29 4.36 -5.21 -13.40
CA ILE A 29 4.33 -3.78 -13.13
C ILE A 29 3.96 -3.06 -14.42
N LEU A 30 3.31 -1.92 -14.27
CA LEU A 30 2.76 -1.16 -15.39
C LEU A 30 3.45 0.18 -15.46
N ILE A 31 3.81 0.62 -16.65
CA ILE A 31 4.48 1.90 -16.87
CA ILE A 31 4.42 1.92 -16.78
C ILE A 31 3.63 2.75 -17.79
N ASP A 32 3.31 3.97 -17.37
CA ASP A 32 2.59 4.97 -18.15
C ASP A 32 1.20 4.50 -18.57
N PRO A 33 0.30 4.26 -17.62
CA PRO A 33 -1.08 3.90 -17.99
C PRO A 33 -1.80 5.09 -18.60
N SER A 34 -1.86 5.12 -19.92
CA SER A 34 -2.15 6.36 -20.64
C SER A 34 -3.64 6.66 -20.74
N GLY A 35 -4.47 5.64 -20.75
CA GLY A 35 -5.88 5.81 -21.03
C GLY A 35 -6.48 4.48 -21.40
N GLU A 36 -7.76 4.53 -21.78
CA GLU A 36 -8.52 3.35 -22.19
C GLU A 36 -8.32 2.20 -21.20
N SER A 37 -8.69 2.48 -19.95
CA SER A 37 -8.27 1.64 -18.83
C SER A 37 -8.88 0.24 -18.91
N GLU A 38 -10.05 0.09 -19.53
CA GLU A 38 -10.63 -1.24 -19.67
C GLU A 38 -9.77 -2.14 -20.53
N LYS A 39 -9.07 -1.59 -21.53
CA LYS A 39 -8.13 -2.39 -22.32
C LYS A 39 -6.91 -2.78 -21.50
N ILE A 40 -6.43 -1.86 -20.66
CA ILE A 40 -5.30 -2.20 -19.78
C ILE A 40 -5.72 -3.28 -18.79
N ILE A 41 -6.90 -3.11 -18.18
CA ILE A 41 -7.37 -4.07 -17.20
C ILE A 41 -7.57 -5.43 -17.86
N LYS A 42 -8.09 -5.45 -19.09
CA LYS A 42 -8.29 -6.71 -19.78
C LYS A 42 -6.98 -7.47 -19.92
N LYS A 43 -5.91 -6.79 -20.34
CA LYS A 43 -4.62 -7.45 -20.46
C LYS A 43 -4.06 -7.83 -19.10
N LEU A 44 -4.27 -6.99 -18.08
CA LEU A 44 -3.83 -7.35 -16.74
C LEU A 44 -4.50 -8.64 -16.27
N ASN A 45 -5.79 -8.80 -16.58
CA ASN A 45 -6.51 -10.02 -16.21
C ASN A 45 -6.03 -11.22 -17.02
N GLN A 46 -5.61 -11.01 -18.28
CA GLN A 46 -5.06 -12.11 -19.05
C GLN A 46 -3.74 -12.60 -18.48
N ILE A 47 -2.89 -11.68 -18.00
CA ILE A 47 -1.56 -12.06 -17.52
C ILE A 47 -1.67 -13.01 -16.34
N ASN A 48 -2.64 -12.78 -15.45
CA ASN A 48 -2.91 -13.68 -14.32
C ASN A 48 -1.74 -13.72 -13.36
N LYS A 49 -1.15 -12.55 -13.12
CA LYS A 49 -0.12 -12.34 -12.14
C LYS A 49 -0.51 -11.03 -11.44
N PRO A 50 -0.26 -10.92 -10.14
CA PRO A 50 -0.67 -9.70 -9.43
C PRO A 50 0.11 -8.47 -9.87
N LEU A 51 -0.61 -7.38 -10.09
CA LEU A 51 0.01 -6.09 -10.36
C LEU A 51 0.57 -5.51 -9.07
N LYS A 52 1.83 -5.10 -9.09
CA LYS A 52 2.50 -4.64 -7.88
C LYS A 52 2.78 -3.14 -7.83
N ALA A 53 2.88 -2.46 -8.97
CA ALA A 53 3.23 -1.05 -8.93
C ALA A 53 2.96 -0.43 -10.29
N ILE A 54 2.82 0.88 -10.28
CA ILE A 54 2.83 1.68 -11.49
C ILE A 54 4.05 2.59 -11.43
N LEU A 55 4.80 2.64 -12.53
CA LEU A 55 5.90 3.56 -12.73
C LEU A 55 5.50 4.57 -13.80
N LEU A 56 5.83 5.84 -13.58
CA LEU A 56 5.60 6.90 -14.57
C LEU A 56 6.94 7.43 -15.06
N THR A 57 7.17 7.38 -16.37
CA THR A 57 8.31 8.07 -16.95
C THR A 57 8.21 9.57 -16.70
N HIS A 58 7.00 10.10 -16.83
CA HIS A 58 6.71 11.48 -16.48
C HIS A 58 5.20 11.63 -16.44
N ALA A 59 4.74 12.80 -16.02
CA ALA A 59 3.34 13.00 -15.66
C ALA A 59 2.61 13.94 -16.61
N HIS A 60 3.02 13.97 -17.88
CA HIS A 60 2.19 14.61 -18.88
C HIS A 60 0.88 13.82 -19.00
N PHE A 61 -0.19 14.54 -19.33
CA PHE A 61 -1.55 13.98 -19.29
C PHE A 61 -1.68 12.68 -20.05
N ASP A 62 -0.95 12.52 -21.15
CA ASP A 62 -1.13 11.35 -21.99
C ASP A 62 -0.42 10.12 -21.45
N HIS A 63 0.20 10.21 -20.29
CA HIS A 63 0.85 9.06 -19.68
C HIS A 63 0.20 8.63 -18.39
N ILE A 64 -0.84 9.34 -17.96
CA ILE A 64 -1.45 9.14 -16.66
C ILE A 64 -2.96 9.00 -16.73
N GLY A 65 -3.54 8.97 -17.94
CA GLY A 65 -4.98 9.09 -18.06
C GLY A 65 -5.74 7.94 -17.42
N ALA A 66 -5.12 6.76 -17.36
CA ALA A 66 -5.75 5.58 -16.77
C ALA A 66 -5.23 5.28 -15.37
N VAL A 67 -4.37 6.13 -14.80
CA VAL A 67 -3.75 5.83 -13.52
C VAL A 67 -4.81 5.66 -12.43
N ASP A 68 -5.77 6.58 -12.35
CA ASP A 68 -6.75 6.52 -11.27
C ASP A 68 -7.60 5.27 -11.36
N ASP A 69 -7.98 4.86 -12.57
CA ASP A 69 -8.82 3.67 -12.72
C ASP A 69 -8.08 2.43 -12.26
N ILE A 70 -6.79 2.32 -12.57
CA ILE A 70 -6.04 1.13 -12.20
C ILE A 70 -5.79 1.09 -10.69
N VAL A 71 -5.48 2.24 -10.09
CA VAL A 71 -5.32 2.27 -8.64
C VAL A 71 -6.63 1.94 -7.95
N ASP A 72 -7.74 2.49 -8.45
CA ASP A 72 -9.05 2.18 -7.88
C ASP A 72 -9.38 0.70 -7.97
N ARG A 73 -8.93 0.02 -9.01
CA ARG A 73 -9.25 -1.40 -9.15
C ARG A 73 -8.29 -2.27 -8.33
N PHE A 74 -6.99 -1.98 -8.38
CA PHE A 74 -6.00 -2.90 -7.81
C PHE A 74 -5.28 -2.36 -6.58
N ASP A 75 -5.35 -1.06 -6.30
CA ASP A 75 -4.74 -0.45 -5.11
C ASP A 75 -3.24 -0.76 -5.04
N VAL A 76 -2.52 -0.10 -5.95
CA VAL A 76 -1.07 -0.26 -6.02
C VAL A 76 -0.43 1.12 -5.91
N PRO A 77 0.82 1.19 -5.47
CA PRO A 77 1.50 2.49 -5.41
C PRO A 77 1.90 2.96 -6.80
N VAL A 78 2.01 4.28 -6.92
CA VAL A 78 2.42 4.94 -8.15
C VAL A 78 3.73 5.65 -7.88
N TYR A 79 4.75 5.34 -8.67
CA TYR A 79 6.10 5.84 -8.45
C TYR A 79 6.47 6.82 -9.56
N HIS A 81 9.19 10.73 -10.27
CA HIS A 81 10.13 11.70 -9.74
C HIS A 81 9.37 12.86 -9.11
N GLU A 82 9.83 13.29 -7.94
CA GLU A 82 9.10 14.29 -7.17
C GLU A 82 9.00 15.62 -7.91
N ALA A 83 9.86 15.87 -8.89
CA ALA A 83 9.82 17.18 -9.55
C ALA A 83 8.53 17.39 -10.32
N GLU A 84 7.71 16.36 -10.50
CA GLU A 84 6.47 16.47 -11.24
C GLU A 84 5.27 16.01 -10.42
N PHE A 85 5.42 15.91 -9.10
CA PHE A 85 4.26 15.63 -8.25
C PHE A 85 3.10 16.59 -8.56
N ASP A 86 3.41 17.86 -8.79
CA ASP A 86 2.34 18.84 -9.04
C ASP A 86 1.79 18.77 -10.46
N PHE A 87 2.37 17.95 -11.34
CA PHE A 87 1.79 17.75 -12.66
C PHE A 87 0.47 16.99 -12.61
N LEU A 88 0.30 16.10 -11.63
CA LEU A 88 -0.84 15.18 -11.64
C LEU A 88 -2.18 15.92 -11.57
N LYS A 89 -2.29 16.88 -10.66
CA LYS A 89 -3.55 17.58 -10.44
C LYS A 89 -3.66 18.86 -11.26
N ASP A 90 -2.61 19.23 -11.99
CA ASP A 90 -2.54 20.54 -12.64
C ASP A 90 -2.60 20.41 -14.15
N PRO A 91 -3.77 20.63 -14.77
CA PRO A 91 -3.87 20.45 -16.24
C PRO A 91 -3.05 21.44 -17.05
N VAL A 92 -2.67 22.59 -16.50
CA VAL A 92 -1.80 23.48 -17.29
C VAL A 92 -0.37 22.96 -17.28
N LYS A 93 0.05 22.29 -16.21
CA LYS A 93 1.41 21.77 -16.16
C LYS A 93 1.54 20.46 -16.92
N ASN A 94 0.53 19.59 -16.86
CA ASN A 94 0.64 18.31 -17.52
C ASN A 94 0.19 18.34 -18.98
N GLY A 95 -0.33 19.48 -19.44
CA GLY A 95 -0.67 19.66 -20.84
C GLY A 95 -2.13 19.42 -21.19
N ALA A 96 -2.94 18.94 -20.24
CA ALA A 96 -4.32 18.60 -20.56
C ALA A 96 -5.20 19.83 -20.80
N ASP A 97 -4.74 21.02 -20.39
CA ASP A 97 -5.60 22.20 -20.51
C ASP A 97 -5.94 22.52 -21.96
N LYS A 98 -5.08 22.12 -22.90
CA LYS A 98 -5.28 22.53 -24.30
C LYS A 98 -6.46 21.81 -24.94
N LEU A 104 -11.29 15.91 -24.63
CA LEU A 104 -12.38 16.76 -24.06
C LEU A 104 -12.46 16.56 -22.54
N PRO A 105 -12.80 15.37 -22.00
CA PRO A 105 -12.80 15.18 -20.55
C PRO A 105 -11.37 15.45 -20.08
N ILE A 107 -7.86 15.55 -17.98
CA ILE A 107 -7.04 14.42 -17.47
C ILE A 107 -6.24 14.87 -16.25
N THR A 108 -6.54 14.24 -15.13
CA THR A 108 -5.82 14.45 -13.87
C THR A 108 -5.77 13.12 -13.14
N SER A 109 -4.86 13.02 -12.20
CA SER A 109 -4.75 11.88 -11.30
C SER A 109 -4.78 12.38 -9.88
N LYS A 110 -5.59 11.76 -9.04
CA LYS A 110 -5.75 12.12 -7.63
C LYS A 110 -4.92 11.25 -6.71
N VAL A 111 -4.01 10.46 -7.28
CA VAL A 111 -3.17 9.56 -6.48
C VAL A 111 -2.11 10.37 -5.74
N THR A 112 -1.79 9.92 -4.52
CA THR A 112 -0.61 10.42 -3.83
C THR A 112 0.58 9.56 -4.24
N PRO A 113 1.53 10.09 -5.00
CA PRO A 113 2.60 9.25 -5.54
C PRO A 113 3.76 9.07 -4.55
N GLU A 114 4.54 8.03 -4.83
CA GLU A 114 5.78 7.77 -4.12
C GLU A 114 6.94 8.23 -4.98
N LYS A 115 7.96 8.81 -4.35
CA LYS A 115 9.05 9.38 -5.12
C LYS A 115 10.07 8.31 -5.49
N LEU A 116 10.73 8.53 -6.62
CA LEU A 116 11.82 7.68 -7.10
C LEU A 116 12.98 8.57 -7.51
N ASN A 117 14.20 8.17 -7.13
CA ASN A 117 15.40 8.91 -7.52
C ASN A 117 16.29 8.04 -8.39
N GLU A 118 17.21 8.72 -9.09
CA GLU A 118 18.25 8.03 -9.83
C GLU A 118 18.98 7.02 -8.95
N GLY A 119 19.18 5.84 -9.49
CA GLY A 119 19.92 4.83 -8.78
C GLY A 119 19.27 3.47 -8.92
N SER A 120 19.94 2.47 -8.38
CA SER A 120 19.40 1.11 -8.39
C SER A 120 18.19 1.03 -7.47
N THR A 121 17.15 0.35 -7.92
CA THR A 121 15.92 0.26 -7.16
C THR A 121 15.43 -1.19 -7.19
N GLU A 122 14.68 -1.56 -6.16
CA GLU A 122 13.97 -2.84 -6.15
C GLU A 122 12.57 -2.56 -5.64
N ILE A 123 11.57 -2.88 -6.45
CA ILE A 123 10.18 -2.67 -6.11
C ILE A 123 9.44 -3.98 -6.31
N GLU A 124 9.03 -4.62 -5.20
CA GLU A 124 8.23 -5.83 -5.22
C GLU A 124 8.89 -6.92 -6.07
N GLY A 125 10.19 -7.12 -5.86
CA GLY A 125 10.93 -8.14 -6.56
C GLY A 125 11.45 -7.76 -7.92
N PHE A 126 11.08 -6.60 -8.45
CA PHE A 126 11.62 -6.11 -9.71
C PHE A 126 12.84 -5.25 -9.43
N LYS A 127 14.00 -5.68 -9.93
CA LYS A 127 15.22 -4.89 -9.86
C LYS A 127 15.41 -4.12 -11.17
N PHE A 128 15.72 -2.83 -11.06
CA PHE A 128 16.01 -2.02 -12.23
C PHE A 128 16.77 -0.77 -11.78
N ASN A 129 17.32 -0.07 -12.76
CA ASN A 129 18.05 1.16 -12.52
C ASN A 129 17.22 2.34 -13.00
N VAL A 130 17.19 3.41 -12.21
CA VAL A 130 16.50 4.63 -12.59
C VAL A 130 17.53 5.67 -13.02
N LEU A 131 17.31 6.28 -14.18
CA LEU A 131 18.09 7.44 -14.61
C LEU A 131 17.17 8.64 -14.64
N HIS A 132 17.60 9.74 -14.02
CA HIS A 132 16.86 10.99 -14.15
C HIS A 132 17.29 11.65 -15.44
N THR A 133 16.35 11.76 -16.40
CA THR A 133 16.63 12.25 -17.76
C THR A 133 15.69 13.40 -18.11
N PRO A 134 15.87 14.55 -17.49
CA PRO A 134 14.98 15.70 -17.72
C PRO A 134 15.30 16.40 -19.02
N GLY A 135 14.47 17.40 -19.34
CA GLY A 135 14.67 18.20 -20.53
C GLY A 135 13.38 18.30 -21.33
N HIS A 136 12.76 17.15 -21.59
CA HIS A 136 11.38 17.15 -22.07
C HIS A 136 10.42 17.51 -20.95
N SER A 137 10.67 17.00 -19.74
CA SER A 137 9.96 17.41 -18.55
C SER A 137 10.91 17.29 -17.36
N PRO A 138 10.69 18.06 -16.29
CA PRO A 138 11.71 18.15 -15.22
C PRO A 138 11.81 16.88 -14.38
N GLY A 139 10.77 16.05 -14.36
CA GLY A 139 10.80 14.80 -13.61
C GLY A 139 10.83 13.55 -14.48
N SER A 140 11.26 13.69 -15.73
CA SER A 140 11.36 12.52 -16.62
C SER A 140 12.33 11.49 -16.07
N LEU A 141 11.89 10.23 -16.05
CA LEU A 141 12.74 9.13 -15.61
C LEU A 141 12.84 8.09 -16.70
N THR A 142 14.00 7.47 -16.80
CA THR A 142 14.23 6.32 -17.68
CA THR A 142 14.21 6.32 -17.67
C THR A 142 14.45 5.09 -16.80
N TYR A 143 13.78 3.99 -17.13
CA TYR A 143 13.86 2.78 -16.32
C TYR A 143 14.63 1.73 -17.08
N VAL A 144 15.76 1.29 -16.50
CA VAL A 144 16.69 0.42 -17.19
C VAL A 144 16.63 -0.96 -16.58
N PHE A 145 16.17 -1.93 -17.37
CA PHE A 145 16.14 -3.31 -16.96
C PHE A 145 17.31 -4.04 -17.62
N ASP A 146 17.47 -5.32 -17.29
CA ASP A 146 18.63 -6.04 -17.81
C ASP A 146 18.59 -6.20 -19.32
N GLU A 147 17.39 -6.31 -19.92
CA GLU A 147 17.30 -6.60 -21.34
C GLU A 147 16.57 -5.54 -22.15
N PHE A 148 16.18 -4.42 -21.54
CA PHE A 148 15.52 -3.31 -22.23
C PHE A 148 15.49 -2.12 -21.30
N ALA A 149 15.20 -0.95 -21.88
CA ALA A 149 15.01 0.27 -21.13
C ALA A 149 13.76 0.98 -21.64
N VAL A 150 13.08 1.68 -20.75
CA VAL A 150 11.85 2.38 -21.05
C VAL A 150 12.16 3.84 -20.82
N VAL A 151 12.17 4.65 -21.89
CA VAL A 151 12.84 5.95 -21.86
C VAL A 151 11.89 7.14 -21.88
N GLY A 152 10.57 6.91 -21.99
CA GLY A 152 9.67 8.05 -21.95
C GLY A 152 9.81 8.91 -23.21
N ASP A 153 9.54 10.21 -23.04
CA ASP A 153 9.49 11.13 -24.18
C ASP A 153 10.81 11.86 -24.38
N THR A 154 11.90 11.08 -24.42
CA THR A 154 13.25 11.63 -24.48
C THR A 154 13.83 11.36 -25.86
N LEU A 155 14.21 10.11 -26.12
CA LEU A 155 14.77 9.68 -27.38
C LEU A 155 13.75 8.81 -28.10
N PHE A 156 13.29 9.27 -29.26
CA PHE A 156 12.42 8.48 -30.12
C PHE A 156 13.23 7.82 -31.22
N ASN A 157 12.61 6.87 -31.93
CA ASN A 157 13.24 6.42 -33.17
C ASN A 157 13.34 7.58 -34.15
N ASN A 158 14.57 7.98 -34.49
CA ASN A 158 14.81 9.12 -35.40
C ASN A 158 14.04 10.37 -34.98
N GLY A 159 14.02 10.66 -33.68
CA GLY A 159 13.35 11.85 -33.20
C GLY A 159 13.74 12.12 -31.78
N ILE A 160 13.21 13.23 -31.23
CA ILE A 160 13.39 13.53 -29.82
CA ILE A 160 13.44 13.62 -29.85
C ILE A 160 12.15 14.18 -29.25
N GLY A 161 12.03 14.09 -27.92
CA GLY A 161 10.92 14.73 -27.25
C GLY A 161 10.91 16.23 -27.47
N ARG A 162 9.72 16.81 -27.55
CA ARG A 162 9.62 18.26 -27.68
C ARG A 162 10.12 18.93 -26.40
N THR A 163 10.67 20.13 -26.55
CA THR A 163 11.27 20.82 -25.42
C THR A 163 10.66 22.19 -25.22
N ASP A 164 9.44 22.40 -25.71
CA ASP A 164 8.76 23.68 -25.56
C ASP A 164 7.61 23.61 -24.57
N LEU A 165 7.49 22.50 -23.82
CA LEU A 165 6.43 22.37 -22.83
CA LEU A 165 6.52 22.34 -22.86
C LEU A 165 6.87 23.00 -21.52
N TYR A 166 6.09 22.78 -20.48
CA TYR A 166 6.34 23.43 -19.20
C TYR A 166 7.64 22.91 -18.62
N LYS A 167 8.60 23.83 -18.38
CA LYS A 167 9.90 23.52 -17.79
C LYS A 167 10.76 22.65 -18.70
N GLY A 168 10.45 22.65 -19.97
CA GLY A 168 11.29 21.97 -20.93
C GLY A 168 12.47 22.79 -21.34
N ASP A 169 13.50 22.11 -21.84
CA ASP A 169 14.72 22.82 -22.21
C ASP A 169 15.53 21.93 -23.14
N TYR A 170 15.87 22.47 -24.31
CA TYR A 170 16.49 21.66 -25.35
C TYR A 170 17.85 21.14 -24.93
N GLU A 171 18.75 22.04 -24.50
CA GLU A 171 20.09 21.56 -24.15
C GLU A 171 20.05 20.57 -22.99
N THR A 172 19.10 20.71 -22.07
CA THR A 172 18.98 19.73 -20.99
C THR A 172 18.65 18.35 -21.52
N LEU A 173 17.69 18.27 -22.44
CA LEU A 173 17.33 16.97 -23.01
C LEU A 173 18.48 16.38 -23.81
N VAL A 174 19.16 17.20 -24.62
CA VAL A 174 20.30 16.68 -25.38
C VAL A 174 21.35 16.11 -24.43
N ASP A 175 21.61 16.81 -23.32
CA ASP A 175 22.56 16.28 -22.33
C ASP A 175 22.06 14.97 -21.73
N SER A 176 20.78 14.93 -21.34
CA SER A 176 20.22 13.70 -20.78
C SER A 176 20.42 12.53 -21.73
N ILE A 177 20.17 12.76 -23.02
CA ILE A 177 20.33 11.68 -23.99
C ILE A 177 21.80 11.33 -24.17
N GLN A 178 22.65 12.34 -24.36
CA GLN A 178 24.02 12.06 -24.74
C GLN A 178 24.85 11.57 -23.55
N ASP A 179 24.56 12.07 -22.35
CA ASP A 179 25.38 11.76 -21.19
C ASP A 179 24.85 10.58 -20.38
N LYS A 180 23.56 10.27 -20.48
CA LYS A 180 22.98 9.19 -19.69
C LYS A 180 22.43 8.06 -20.56
N ILE A 181 21.49 8.35 -21.47
CA ILE A 181 20.91 7.25 -22.24
C ILE A 181 21.96 6.63 -23.16
N PHE A 182 22.85 7.47 -23.71
CA PHE A 182 23.87 6.95 -24.61
C PHE A 182 24.95 6.16 -23.87
N GLU A 183 24.90 6.07 -22.54
CA GLU A 183 25.82 5.20 -21.81
C GLU A 183 25.32 3.77 -21.74
N LEU A 184 24.07 3.51 -22.11
CA LEU A 184 23.55 2.15 -22.06
C LEU A 184 24.15 1.30 -23.18
N GLU A 185 24.02 -0.02 -23.05
CA GLU A 185 24.51 -0.93 -24.08
C GLU A 185 23.99 -0.55 -25.46
N GLY A 186 24.90 -0.60 -26.45
CA GLY A 186 24.58 -0.03 -27.75
C GLY A 186 23.40 -0.69 -28.45
N ASP A 187 23.16 -1.98 -28.16
CA ASP A 187 22.09 -2.72 -28.81
C ASP A 187 20.92 -3.01 -27.88
N LEU A 188 20.89 -2.40 -26.71
CA LEU A 188 19.77 -2.57 -25.78
C LEU A 188 18.51 -1.98 -26.38
N PRO A 189 17.41 -2.73 -26.42
CA PRO A 189 16.14 -2.15 -26.91
C PRO A 189 15.67 -1.02 -25.99
N LEU A 190 15.39 0.12 -26.61
CA LEU A 190 14.84 1.28 -25.91
CA LEU A 190 14.83 1.27 -25.90
C LEU A 190 13.39 1.50 -26.33
N PHE A 191 12.50 1.59 -25.35
CA PHE A 191 11.08 1.70 -25.62
C PHE A 191 10.56 3.06 -25.21
N PRO A 192 10.32 3.97 -26.16
CA PRO A 192 9.91 5.34 -25.80
C PRO A 192 8.40 5.48 -25.61
N GLY A 193 7.96 6.69 -25.25
CA GLY A 193 6.56 6.90 -24.98
C GLY A 193 5.68 6.91 -26.22
N HIS A 194 6.27 7.09 -27.39
CA HIS A 194 5.55 7.15 -28.65
C HIS A 194 6.44 6.59 -29.74
N GLY A 195 5.82 5.93 -30.71
CA GLY A 195 6.56 5.41 -31.84
C GLY A 195 7.24 4.10 -31.51
N PRO A 196 7.97 3.57 -32.49
CA PRO A 196 8.62 2.26 -32.34
C PRO A 196 9.89 2.37 -31.51
N TYR A 197 10.39 1.20 -31.15
CA TYR A 197 11.62 1.08 -30.39
C TYR A 197 12.82 1.50 -31.22
N THR A 198 13.93 1.76 -30.54
CA THR A 198 15.20 2.04 -31.20
C THR A 198 16.31 1.61 -30.24
N THR A 199 17.55 1.97 -30.58
CA THR A 199 18.71 1.63 -29.76
C THR A 199 19.70 2.79 -29.77
N VAL A 200 20.66 2.70 -28.83
CA VAL A 200 21.69 3.73 -28.72
C VAL A 200 22.53 3.75 -30.00
N ASP A 201 22.94 2.58 -30.48
CA ASP A 201 23.70 2.52 -31.72
C ASP A 201 22.91 3.13 -32.87
N ASP A 202 21.62 2.83 -32.96
CA ASP A 202 20.82 3.34 -34.09
C ASP A 202 20.63 4.84 -34.02
N GLU A 203 20.79 5.47 -32.86
CA GLU A 203 20.50 6.88 -32.73
C GLU A 203 21.76 7.73 -32.67
N GLN A 204 22.93 7.14 -32.99
CA GLN A 204 24.20 7.85 -32.84
C GLN A 204 24.22 9.11 -33.70
N LEU A 205 23.66 9.04 -34.90
CA LEU A 205 23.60 10.18 -35.80
C LEU A 205 22.20 10.81 -35.84
N ASN A 206 21.47 10.71 -34.74
CA ASN A 206 20.16 11.37 -34.66
C ASN A 206 20.33 12.86 -34.92
N PRO A 207 19.62 13.43 -35.88
CA PRO A 207 19.90 14.81 -36.30
C PRO A 207 19.33 15.86 -35.39
N PHE A 208 18.49 15.47 -34.42
CA PHE A 208 17.91 16.41 -33.48
C PHE A 208 18.84 16.71 -32.33
N LEU A 209 19.91 15.93 -32.17
CA LEU A 209 20.92 16.16 -31.15
C LEU A 209 22.00 17.10 -31.71
N HIS A 210 22.24 18.20 -31.03
CA HIS A 210 23.27 19.15 -31.45
C HIS A 210 23.70 19.96 -30.23
N GLY A 211 25.01 20.18 -30.11
CA GLY A 211 25.55 20.92 -28.99
C GLY A 211 26.41 20.06 -28.09
N ALA B 3 -31.93 -25.86 -5.89
CA ALA B 3 -31.60 -27.11 -5.23
C ALA B 3 -31.73 -26.98 -3.72
N SER B 4 -31.01 -26.03 -3.13
CA SER B 4 -31.09 -25.82 -1.69
C SER B 4 -32.25 -24.90 -1.31
N ARG B 6 -35.68 -22.43 -2.58
CA ARG B 6 -36.71 -22.19 -3.58
C ARG B 6 -37.27 -20.80 -3.36
N ILE B 7 -37.20 -19.95 -4.39
CA ILE B 7 -37.72 -18.59 -4.32
C ILE B 7 -38.99 -18.52 -5.17
N SER B 8 -40.07 -18.02 -4.58
CA SER B 8 -41.36 -17.83 -5.23
C SER B 8 -41.72 -16.36 -5.15
N SER B 9 -42.65 -15.93 -6.00
CA SER B 9 -43.04 -14.53 -5.95
C SER B 9 -44.52 -14.37 -6.24
N LEU B 10 -45.13 -13.37 -5.59
CA LEU B 10 -46.44 -12.84 -5.97
C LEU B 10 -46.25 -11.39 -6.34
N THR B 11 -47.01 -10.94 -7.33
CA THR B 11 -47.06 -9.52 -7.69
C THR B 11 -48.36 -8.94 -7.15
N LEU B 12 -48.26 -7.96 -6.26
CA LEU B 12 -49.37 -7.59 -5.41
C LEU B 12 -49.50 -6.07 -5.30
N GLY B 13 -50.70 -5.65 -4.94
CA GLY B 13 -50.91 -4.27 -4.50
C GLY B 13 -51.16 -3.30 -5.63
N LEU B 14 -51.31 -2.04 -5.22
CA LEU B 14 -51.67 -0.97 -6.15
C LEU B 14 -50.66 -0.83 -7.27
N VAL B 15 -49.38 -1.02 -6.97
CA VAL B 15 -48.33 -0.68 -7.93
C VAL B 15 -47.54 -1.92 -8.35
N ASP B 16 -48.13 -3.10 -8.21
CA ASP B 16 -47.58 -4.33 -8.79
C ASP B 16 -46.17 -4.60 -8.24
N THR B 17 -46.11 -4.84 -6.93
CA THR B 17 -44.85 -5.09 -6.24
C THR B 17 -44.58 -6.59 -6.16
N ASN B 18 -43.31 -6.96 -6.36
CA ASN B 18 -42.92 -8.37 -6.23
C ASN B 18 -42.62 -8.66 -4.77
N THR B 19 -43.41 -9.56 -4.17
CA THR B 19 -43.19 -10.07 -2.83
C THR B 19 -42.57 -11.46 -2.95
N TYR B 20 -41.48 -11.71 -2.22
CA TYR B 20 -40.71 -12.93 -2.42
C TYR B 20 -40.81 -13.85 -1.21
N PHE B 21 -41.03 -15.14 -1.49
CA PHE B 21 -40.98 -16.21 -0.49
C PHE B 21 -39.69 -16.99 -0.73
N ILE B 22 -38.82 -17.00 0.29
CA ILE B 22 -37.59 -17.79 0.23
C ILE B 22 -37.74 -18.96 1.19
N GLU B 23 -37.72 -20.18 0.68
CA GLU B 23 -37.86 -21.33 1.55
C GLU B 23 -36.64 -22.23 1.44
N ASN B 24 -36.21 -22.79 2.58
CA ASN B 24 -35.28 -23.88 2.54
C ASN B 24 -36.05 -25.16 2.90
N ASP B 25 -35.33 -26.21 3.29
CA ASP B 25 -36.01 -27.48 3.53
C ASP B 25 -36.94 -27.47 4.74
N LYS B 26 -36.80 -26.49 5.66
CA LYS B 26 -37.57 -26.53 6.90
C LYS B 26 -38.35 -25.26 7.24
N ALA B 27 -38.15 -24.15 6.53
CA ALA B 27 -38.70 -22.88 6.95
C ALA B 27 -38.75 -21.93 5.76
N VAL B 28 -39.28 -20.73 6.00
CA VAL B 28 -39.46 -19.73 4.94
C VAL B 28 -39.22 -18.34 5.51
N ILE B 29 -38.70 -17.44 4.68
CA ILE B 29 -38.65 -16.03 5.02
C ILE B 29 -39.32 -15.25 3.90
N LEU B 30 -39.86 -14.10 4.25
CA LEU B 30 -40.66 -13.28 3.36
C LEU B 30 -39.91 -11.97 3.14
N ILE B 31 -39.90 -11.48 1.90
CA ILE B 31 -39.24 -10.23 1.57
C ILE B 31 -40.29 -9.29 0.97
N ASP B 32 -40.44 -8.10 1.57
CA ASP B 32 -41.28 -7.03 1.03
C ASP B 32 -42.76 -7.43 0.95
N PRO B 33 -43.42 -7.71 2.08
CA PRO B 33 -44.86 -8.04 2.03
C PRO B 33 -45.67 -6.82 1.64
N SER B 34 -46.12 -6.81 0.38
CA SER B 34 -46.52 -5.57 -0.29
C SER B 34 -47.92 -5.15 0.08
N GLY B 35 -48.82 -6.12 0.20
CA GLY B 35 -50.23 -5.86 0.34
C GLY B 35 -50.97 -7.14 0.05
N GLU B 36 -52.29 -7.05 0.03
CA GLU B 36 -53.14 -8.21 -0.23
C GLU B 36 -52.75 -9.38 0.67
N SER B 37 -52.78 -9.12 1.97
CA SER B 37 -52.17 -10.03 2.94
C SER B 37 -52.82 -11.41 2.93
N GLU B 38 -54.11 -11.49 2.64
CA GLU B 38 -54.78 -12.79 2.59
C GLU B 38 -54.13 -13.71 1.54
N LYS B 39 -53.65 -13.15 0.44
CA LYS B 39 -52.96 -13.95 -0.58
C LYS B 39 -51.60 -14.43 -0.07
N ILE B 40 -50.87 -13.59 0.65
CA ILE B 40 -49.61 -14.03 1.23
C ILE B 40 -49.85 -15.11 2.27
N ILE B 41 -50.89 -14.96 3.09
CA ILE B 41 -51.16 -15.95 4.13
C ILE B 41 -51.55 -17.28 3.52
N LYS B 42 -52.36 -17.25 2.45
CA LYS B 42 -52.74 -18.49 1.78
C LYS B 42 -51.51 -19.23 1.26
N LYS B 43 -50.57 -18.50 0.64
CA LYS B 43 -49.35 -19.13 0.15
C LYS B 43 -48.45 -19.60 1.29
N LEU B 44 -48.39 -18.84 2.39
CA LEU B 44 -47.64 -19.30 3.54
C LEU B 44 -48.25 -20.57 4.13
N ASN B 45 -49.59 -20.64 4.14
CA ASN B 45 -50.26 -21.85 4.63
C ASN B 45 -49.99 -23.03 3.71
N GLN B 46 -49.92 -22.79 2.40
CA GLN B 46 -49.64 -23.87 1.46
C GLN B 46 -48.22 -24.38 1.61
N ILE B 47 -47.26 -23.49 1.82
CA ILE B 47 -45.86 -23.91 1.94
C ILE B 47 -45.70 -24.87 3.11
N ASN B 48 -46.43 -24.63 4.20
CA ASN B 48 -46.50 -25.57 5.32
C ASN B 48 -45.15 -25.67 6.03
N LYS B 49 -44.42 -24.58 6.06
CA LYS B 49 -43.18 -24.44 6.81
C LYS B 49 -43.26 -23.17 7.65
N PRO B 50 -42.64 -23.16 8.82
CA PRO B 50 -42.72 -21.96 9.68
C PRO B 50 -42.05 -20.77 9.04
N LEU B 51 -42.74 -19.63 9.10
CA LEU B 51 -42.15 -18.35 8.71
C LEU B 51 -41.22 -17.87 9.82
N LYS B 52 -40.00 -17.48 9.46
CA LYS B 52 -39.01 -17.12 10.48
C LYS B 52 -38.69 -15.64 10.53
N ALA B 53 -38.82 -14.92 9.42
CA ALA B 53 -38.51 -13.51 9.43
C ALA B 53 -39.17 -12.85 8.23
N ILE B 54 -39.31 -11.54 8.33
CA ILE B 54 -39.57 -10.66 7.20
C ILE B 54 -38.34 -9.77 7.01
N LEU B 55 -37.90 -9.66 5.76
CA LEU B 55 -36.85 -8.74 5.35
C LEU B 55 -37.44 -7.67 4.45
N LEU B 56 -37.01 -6.42 4.62
CA LEU B 56 -37.40 -5.33 3.74
C LEU B 56 -36.19 -4.83 2.95
N THR B 57 -36.33 -4.81 1.62
CA THR B 57 -35.36 -4.09 0.79
C THR B 57 -35.35 -2.61 1.13
N HIS B 58 -36.53 -2.05 1.37
CA HIS B 58 -36.69 -0.67 1.83
C HIS B 58 -38.14 -0.51 2.26
N ALA B 59 -38.46 0.66 2.83
CA ALA B 59 -39.76 0.84 3.49
C ALA B 59 -40.66 1.85 2.79
N HIS B 60 -40.56 1.99 1.47
CA HIS B 60 -41.66 2.63 0.75
C HIS B 60 -42.94 1.83 0.97
N PHE B 61 -44.07 2.54 0.96
CA PHE B 61 -45.34 1.94 1.38
C PHE B 61 -45.65 0.65 0.64
N ASP B 62 -45.36 0.58 -0.67
CA ASP B 62 -45.78 -0.56 -1.48
C ASP B 62 -44.95 -1.80 -1.22
N HIS B 63 -43.99 -1.71 -0.31
CA HIS B 63 -43.20 -2.86 0.07
C HIS B 63 -43.49 -3.31 1.48
N ILE B 64 -44.45 -2.69 2.16
CA ILE B 64 -44.68 -2.91 3.59
C ILE B 64 -46.17 -2.99 3.89
N GLY B 65 -47.01 -2.91 2.86
CA GLY B 65 -48.45 -2.82 3.07
C GLY B 65 -49.04 -3.97 3.87
N ALA B 66 -48.43 -5.14 3.78
CA ALA B 66 -48.95 -6.32 4.48
C ALA B 66 -48.14 -6.68 5.71
N VAL B 67 -47.13 -5.87 6.09
CA VAL B 67 -46.25 -6.26 7.20
C VAL B 67 -47.05 -6.49 8.47
N ASP B 68 -47.93 -5.55 8.81
CA ASP B 68 -48.66 -5.63 10.08
C ASP B 68 -49.54 -6.88 10.13
N ASP B 69 -50.26 -7.17 9.04
CA ASP B 69 -51.13 -8.35 9.02
C ASP B 69 -50.32 -9.64 9.16
N ILE B 70 -49.12 -9.67 8.59
CA ILE B 70 -48.34 -10.90 8.63
C ILE B 70 -47.76 -11.13 10.01
N VAL B 71 -47.29 -10.05 10.65
CA VAL B 71 -46.72 -10.22 11.98
C VAL B 71 -47.82 -10.49 13.00
N ASP B 72 -49.02 -9.96 12.79
CA ASP B 72 -50.15 -10.29 13.66
C ASP B 72 -50.46 -11.78 13.62
N ARG B 73 -50.40 -12.38 12.43
CA ARG B 73 -50.77 -13.79 12.30
C ARG B 73 -49.65 -14.73 12.72
N PHE B 74 -48.39 -14.35 12.49
CA PHE B 74 -47.29 -15.28 12.68
C PHE B 74 -46.23 -14.83 13.67
N ASP B 75 -46.17 -13.56 14.03
CA ASP B 75 -45.24 -13.03 15.03
C ASP B 75 -43.79 -13.35 14.68
N VAL B 76 -43.22 -12.59 13.74
CA VAL B 76 -41.83 -12.76 13.31
C VAL B 76 -41.17 -11.40 13.29
N PRO B 77 -39.84 -11.36 13.41
CA PRO B 77 -39.13 -10.07 13.36
C PRO B 77 -39.06 -9.53 11.96
N VAL B 78 -39.06 -8.20 11.87
CA VAL B 78 -38.93 -7.49 10.60
C VAL B 78 -37.58 -6.81 10.59
N TYR B 79 -36.73 -7.19 9.63
CA TYR B 79 -35.38 -6.68 9.51
C TYR B 79 -35.28 -5.66 8.38
N HIS B 81 -32.65 -1.85 7.09
CA HIS B 81 -31.63 -0.85 7.41
C HIS B 81 -32.21 0.26 8.27
N GLU B 82 -31.44 0.67 9.29
CA GLU B 82 -31.96 1.63 10.26
C GLU B 82 -32.19 3.01 9.66
N ALA B 83 -31.60 3.31 8.50
CA ALA B 83 -31.81 4.62 7.90
C ALA B 83 -33.25 4.84 7.44
N GLU B 84 -34.09 3.82 7.50
CA GLU B 84 -35.48 3.98 7.05
C GLU B 84 -36.50 3.55 8.09
N PHE B 85 -36.08 3.31 9.35
CA PHE B 85 -37.04 3.10 10.43
C PHE B 85 -38.16 4.13 10.35
N ASP B 86 -37.81 5.40 10.15
CA ASP B 86 -38.77 6.49 10.10
C ASP B 86 -39.78 6.33 8.96
N PHE B 87 -39.43 5.60 7.91
CA PHE B 87 -40.35 5.43 6.79
C PHE B 87 -41.60 4.65 7.20
N LEU B 88 -41.46 3.72 8.15
CA LEU B 88 -42.54 2.80 8.48
C LEU B 88 -43.81 3.54 8.91
N LYS B 89 -43.66 4.56 9.76
CA LYS B 89 -44.80 5.26 10.32
C LYS B 89 -45.09 6.60 9.66
N ASP B 90 -44.26 7.03 8.70
CA ASP B 90 -44.41 8.34 8.09
C ASP B 90 -44.96 8.21 6.68
N PRO B 91 -46.24 8.53 6.44
CA PRO B 91 -46.81 8.33 5.09
C PRO B 91 -46.26 9.31 4.06
N VAL B 92 -45.69 10.43 4.48
CA VAL B 92 -45.10 11.36 3.51
C VAL B 92 -43.78 10.80 3.01
N LYS B 93 -42.96 10.23 3.90
CA LYS B 93 -41.65 9.73 3.49
C LYS B 93 -41.75 8.45 2.67
N ASN B 94 -42.75 7.60 2.93
CA ASN B 94 -42.84 6.33 2.22
C ASN B 94 -43.78 6.37 1.01
N GLY B 95 -44.45 7.49 0.76
CA GLY B 95 -45.24 7.66 -0.45
C GLY B 95 -46.70 7.27 -0.35
N ALA B 96 -47.14 6.71 0.77
CA ALA B 96 -48.54 6.33 0.92
C ALA B 96 -49.45 7.55 0.95
N SER B 109 -47.17 0.93 9.13
CA SER B 109 -46.72 -0.25 9.83
C SER B 109 -46.40 0.05 11.31
N LYS B 110 -47.09 -0.68 12.17
CA LYS B 110 -47.00 -0.59 13.62
C LYS B 110 -45.74 -1.21 14.19
N VAL B 111 -45.07 -2.08 13.43
CA VAL B 111 -44.05 -2.96 14.01
C VAL B 111 -42.85 -2.16 14.49
N THR B 112 -42.09 -2.77 15.40
CA THR B 112 -40.80 -2.25 15.81
C THR B 112 -39.71 -3.03 15.08
N PRO B 113 -38.98 -2.42 14.15
CA PRO B 113 -38.07 -3.19 13.31
C PRO B 113 -36.76 -3.52 14.01
N GLU B 114 -36.05 -4.47 13.42
CA GLU B 114 -34.72 -4.86 13.84
C GLU B 114 -33.71 -4.37 12.81
N LYS B 115 -32.62 -3.80 13.29
CA LYS B 115 -31.61 -3.24 12.40
C LYS B 115 -30.79 -4.35 11.75
N LEU B 116 -30.49 -4.16 10.47
CA LEU B 116 -29.67 -5.09 9.69
C LEU B 116 -28.55 -4.30 9.03
N ASN B 117 -27.30 -4.69 9.28
CA ASN B 117 -26.15 -4.04 8.65
C ASN B 117 -25.69 -4.82 7.42
N GLU B 118 -24.78 -4.20 6.68
CA GLU B 118 -24.17 -4.86 5.54
C GLU B 118 -23.23 -5.96 6.03
N GLY B 119 -23.05 -6.97 5.18
CA GLY B 119 -22.13 -8.04 5.47
C GLY B 119 -22.82 -9.39 5.54
N SER B 120 -22.01 -10.39 5.85
CA SER B 120 -22.49 -11.75 5.96
C SER B 120 -23.51 -11.86 7.09
N THR B 121 -24.66 -12.45 6.79
CA THR B 121 -25.78 -12.50 7.71
C THR B 121 -26.30 -13.93 7.81
N GLU B 122 -26.79 -14.31 8.98
CA GLU B 122 -27.53 -15.56 9.10
C GLU B 122 -28.69 -15.32 10.03
N ILE B 123 -29.91 -15.55 9.52
CA ILE B 123 -31.12 -15.39 10.31
C ILE B 123 -31.89 -16.70 10.26
N GLU B 124 -32.01 -17.36 11.41
CA GLU B 124 -32.78 -18.61 11.56
C GLU B 124 -32.42 -19.63 10.47
N GLY B 125 -31.12 -19.87 10.31
CA GLY B 125 -30.63 -20.84 9.37
C GLY B 125 -30.50 -20.36 7.94
N PHE B 126 -30.97 -19.17 7.61
CA PHE B 126 -30.82 -18.60 6.27
C PHE B 126 -29.56 -17.76 6.20
N LYS B 127 -28.60 -18.19 5.37
CA LYS B 127 -27.37 -17.43 5.16
C LYS B 127 -27.46 -16.59 3.88
N PHE B 128 -27.08 -15.31 4.00
CA PHE B 128 -27.07 -14.43 2.84
C PHE B 128 -26.16 -13.24 3.15
N ASN B 129 -25.80 -12.51 2.09
CA ASN B 129 -24.99 -11.31 2.21
C ASN B 129 -25.88 -10.08 1.99
N VAL B 130 -25.73 -9.10 2.86
CA VAL B 130 -26.47 -7.85 2.76
C VAL B 130 -25.58 -6.82 2.08
N LEU B 131 -26.10 -6.17 1.05
CA LEU B 131 -25.45 -5.01 0.46
C LEU B 131 -26.29 -3.78 0.75
N HIS B 132 -25.66 -2.70 1.21
CA HIS B 132 -26.33 -1.42 1.33
C HIS B 132 -26.22 -0.72 -0.01
N THR B 133 -27.38 -0.60 -0.66
CA THR B 133 -27.47 -0.05 -2.04
C THR B 133 -28.42 1.15 -2.05
N PRO B 134 -28.05 2.29 -1.44
CA PRO B 134 -28.94 3.43 -1.42
C PRO B 134 -28.95 4.22 -2.73
N GLY B 135 -29.76 5.26 -2.73
CA GLY B 135 -29.88 6.10 -3.91
C GLY B 135 -31.32 6.23 -4.34
N HIS B 136 -32.02 5.10 -4.43
CA HIS B 136 -33.48 5.12 -4.54
C HIS B 136 -34.11 5.43 -3.20
N SER B 137 -33.60 4.85 -2.12
CA SER B 137 -33.94 5.25 -0.77
C SER B 137 -32.71 5.07 0.11
N PRO B 138 -32.61 5.81 1.22
CA PRO B 138 -31.35 5.82 1.99
C PRO B 138 -31.07 4.52 2.72
N GLY B 139 -32.14 3.76 2.94
CA GLY B 139 -32.09 2.49 3.67
C GLY B 139 -32.21 1.26 2.78
N SER B 140 -32.06 1.41 1.46
CA SER B 140 -32.10 0.26 0.49
CA SER B 140 -32.11 0.26 0.49
C SER B 140 -31.08 -0.91 0.61
N LEU B 141 -31.65 -2.10 0.87
CA LEU B 141 -30.76 -3.24 1.05
C LEU B 141 -30.97 -4.23 -0.08
N THR B 142 -29.87 -4.82 -0.54
CA THR B 142 -29.92 -5.91 -1.49
C THR B 142 -29.50 -7.18 -0.77
N TYR B 143 -30.26 -8.24 -0.95
CA TYR B 143 -30.02 -9.50 -0.25
C TYR B 143 -29.48 -10.52 -1.23
N VAL B 144 -28.24 -10.96 -1.02
CA VAL B 144 -27.57 -11.85 -1.96
C VAL B 144 -27.52 -13.24 -1.38
N PHE B 145 -28.23 -14.16 -2.03
CA PHE B 145 -28.21 -15.56 -1.67
C PHE B 145 -27.30 -16.33 -2.63
N ASP B 146 -27.11 -17.61 -2.34
CA ASP B 146 -26.21 -18.45 -3.13
C ASP B 146 -26.60 -18.47 -4.60
N GLU B 147 -27.90 -18.49 -4.91
CA GLU B 147 -28.36 -18.74 -6.27
C GLU B 147 -29.19 -17.60 -6.86
N PHE B 148 -29.40 -16.53 -6.13
CA PHE B 148 -30.17 -15.39 -6.63
C PHE B 148 -29.93 -14.19 -5.70
N ALA B 149 -30.30 -13.02 -6.18
CA ALA B 149 -30.24 -11.81 -5.36
C ALA B 149 -31.56 -11.07 -5.48
N VAL B 150 -31.97 -10.41 -4.41
CA VAL B 150 -33.22 -9.67 -4.34
C VAL B 150 -32.81 -8.22 -4.12
N VAL B 151 -33.07 -7.35 -5.11
CA VAL B 151 -32.37 -6.06 -5.20
C VAL B 151 -33.27 -4.86 -4.92
N GLY B 152 -34.55 -5.07 -4.62
CA GLY B 152 -35.41 -3.92 -4.39
C GLY B 152 -35.57 -3.04 -5.63
N ASP B 153 -35.78 -1.74 -5.38
CA ASP B 153 -36.05 -0.78 -6.44
C ASP B 153 -34.79 -0.07 -6.92
N THR B 154 -33.77 -0.87 -7.22
CA THR B 154 -32.47 -0.33 -7.63
C THR B 154 -32.27 -0.56 -9.12
N LEU B 155 -32.01 -1.78 -9.53
CA LEU B 155 -31.82 -2.16 -10.92
C LEU B 155 -33.06 -2.94 -11.37
N PHE B 156 -33.77 -2.43 -12.37
CA PHE B 156 -34.87 -3.16 -13.01
C PHE B 156 -34.39 -3.79 -14.32
N ASN B 157 -35.20 -4.70 -14.88
CA ASN B 157 -34.90 -5.12 -16.24
C ASN B 157 -35.02 -3.93 -17.19
N ASN B 158 -33.89 -3.53 -17.81
CA ASN B 158 -33.81 -2.35 -18.70
C ASN B 158 -34.43 -1.10 -18.05
N GLY B 159 -34.08 -0.86 -16.78
CA GLY B 159 -34.58 0.32 -16.07
C GLY B 159 -33.86 0.51 -14.76
N ILE B 160 -34.17 1.63 -14.09
CA ILE B 160 -33.66 1.85 -12.74
C ILE B 160 -34.73 2.47 -11.85
N GLY B 161 -34.50 2.37 -10.54
CA GLY B 161 -35.41 2.99 -9.60
C GLY B 161 -35.41 4.50 -9.75
N ARG B 162 -36.56 5.11 -9.46
CA ARG B 162 -36.57 6.56 -9.55
C ARG B 162 -35.76 7.15 -8.41
N THR B 163 -35.23 8.35 -8.64
CA THR B 163 -34.32 8.98 -7.70
C THR B 163 -34.82 10.35 -7.29
N ASP B 164 -36.12 10.61 -7.45
CA ASP B 164 -36.72 11.88 -7.07
C ASP B 164 -37.57 11.79 -5.81
N LEU B 165 -37.48 10.69 -5.06
CA LEU B 165 -38.25 10.55 -3.85
C LEU B 165 -37.44 11.06 -2.66
N TYR B 166 -37.97 10.85 -1.46
CA TYR B 166 -37.34 11.42 -0.27
C TYR B 166 -35.98 10.78 -0.08
N LYS B 167 -34.96 11.63 0.04
CA LYS B 167 -33.55 11.26 0.16
C LYS B 167 -33.04 10.45 -1.03
N GLY B 168 -33.75 10.51 -2.15
CA GLY B 168 -33.27 9.89 -3.36
C GLY B 168 -32.22 10.74 -4.05
N ASP B 169 -31.31 10.05 -4.74
CA ASP B 169 -30.21 10.74 -5.41
C ASP B 169 -29.69 9.85 -6.52
N TYR B 170 -29.62 10.41 -7.72
CA TYR B 170 -29.32 9.63 -8.92
C TYR B 170 -27.89 9.09 -8.89
N GLU B 171 -26.90 9.95 -8.62
CA GLU B 171 -25.53 9.44 -8.70
C GLU B 171 -25.25 8.42 -7.60
N THR B 172 -25.89 8.57 -6.43
CA THR B 172 -25.78 7.53 -5.40
C THR B 172 -26.29 6.19 -5.90
N LEU B 173 -27.46 6.19 -6.56
CA LEU B 173 -28.01 4.93 -7.07
C LEU B 173 -27.12 4.33 -8.16
N VAL B 174 -26.62 5.17 -9.07
CA VAL B 174 -25.72 4.67 -10.11
C VAL B 174 -24.48 4.05 -9.49
N ASP B 175 -23.96 4.64 -8.41
CA ASP B 175 -22.83 4.05 -7.73
C ASP B 175 -23.19 2.73 -7.05
N SER B 176 -24.34 2.68 -6.38
CA SER B 176 -24.76 1.42 -5.75
C SER B 176 -24.88 0.30 -6.77
N ILE B 177 -25.41 0.60 -7.96
CA ILE B 177 -25.54 -0.44 -8.97
C ILE B 177 -24.17 -0.82 -9.53
N GLN B 178 -23.38 0.18 -9.93
CA GLN B 178 -22.14 -0.11 -10.64
C GLN B 178 -21.05 -0.62 -9.70
N ASP B 179 -21.04 -0.19 -8.44
CA ASP B 179 -19.99 -0.56 -7.51
C ASP B 179 -20.31 -1.77 -6.66
N LYS B 180 -21.58 -2.09 -6.47
CA LYS B 180 -21.95 -3.21 -5.60
C LYS B 180 -22.72 -4.28 -6.37
N ILE B 181 -23.84 -3.93 -7.00
CA ILE B 181 -24.63 -4.96 -7.65
C ILE B 181 -23.87 -5.55 -8.84
N PHE B 182 -23.16 -4.71 -9.58
CA PHE B 182 -22.43 -5.16 -10.76
C PHE B 182 -21.21 -5.98 -10.40
N GLU B 183 -20.91 -6.18 -9.12
CA GLU B 183 -19.86 -7.11 -8.71
C GLU B 183 -20.38 -8.51 -8.47
N LEU B 184 -21.70 -8.70 -8.51
CA LEU B 184 -22.25 -10.05 -8.39
C LEU B 184 -21.96 -10.85 -9.66
N GLU B 185 -22.12 -12.18 -9.54
CA GLU B 185 -21.95 -13.09 -10.67
C GLU B 185 -22.81 -12.63 -11.84
N GLY B 186 -22.24 -12.71 -13.05
CA GLY B 186 -22.83 -12.06 -14.20
C GLY B 186 -24.16 -12.64 -14.62
N ASP B 187 -24.36 -13.95 -14.37
CA ASP B 187 -25.61 -14.62 -14.72
C ASP B 187 -26.47 -14.91 -13.51
N LEU B 188 -26.15 -14.36 -12.34
CA LEU B 188 -26.97 -14.57 -11.16
C LEU B 188 -28.33 -13.90 -11.35
N PRO B 189 -29.43 -14.61 -11.17
CA PRO B 189 -30.74 -13.95 -11.31
C PRO B 189 -30.92 -12.85 -10.26
N LEU B 190 -31.33 -11.67 -10.75
CA LEU B 190 -31.64 -10.53 -9.90
C LEU B 190 -33.15 -10.30 -9.88
N PHE B 191 -33.73 -10.26 -8.69
CA PHE B 191 -35.18 -10.15 -8.54
C PHE B 191 -35.52 -8.79 -7.95
N PRO B 192 -35.99 -7.84 -8.77
CA PRO B 192 -36.23 -6.48 -8.24
C PRO B 192 -37.64 -6.30 -7.69
N GLY B 193 -37.92 -5.09 -7.20
CA GLY B 193 -39.20 -4.84 -6.57
C GLY B 193 -40.36 -4.76 -7.55
N HIS B 194 -40.08 -4.52 -8.83
CA HIS B 194 -41.09 -4.39 -9.86
C HIS B 194 -40.52 -4.93 -11.18
N GLY B 195 -41.40 -5.51 -11.99
CA GLY B 195 -41.05 -6.00 -13.30
C GLY B 195 -40.36 -7.35 -13.25
N PRO B 196 -39.90 -7.85 -14.39
CA PRO B 196 -39.30 -9.18 -14.44
C PRO B 196 -37.85 -9.17 -13.98
N TYR B 197 -37.32 -10.38 -13.83
CA TYR B 197 -35.95 -10.54 -13.38
C TYR B 197 -34.98 -10.08 -14.46
N THR B 198 -33.72 -9.92 -14.06
CA THR B 198 -32.65 -9.64 -14.99
C THR B 198 -31.32 -10.11 -14.39
N THR B 199 -30.21 -9.75 -15.04
CA THR B 199 -28.89 -10.14 -14.54
C THR B 199 -27.90 -9.01 -14.75
N VAL B 200 -26.76 -9.14 -14.06
CA VAL B 200 -25.68 -8.16 -14.20
C VAL B 200 -25.21 -8.08 -15.65
N ASP B 201 -25.00 -9.24 -16.28
CA ASP B 201 -24.55 -9.26 -17.67
C ASP B 201 -25.59 -8.62 -18.59
N ASP B 202 -26.87 -8.86 -18.33
CA ASP B 202 -27.91 -8.27 -19.17
C ASP B 202 -28.03 -6.76 -19.00
N GLU B 203 -27.58 -6.19 -17.88
CA GLU B 203 -27.76 -4.76 -17.64
C GLU B 203 -26.48 -3.97 -17.85
N GLN B 204 -25.48 -4.57 -18.50
CA GLN B 204 -24.19 -3.89 -18.66
C GLN B 204 -24.35 -2.61 -19.45
N LEU B 205 -25.25 -2.62 -20.44
CA LEU B 205 -25.49 -1.45 -21.28
C LEU B 205 -26.82 -0.78 -20.96
N ASN B 206 -27.32 -0.94 -19.73
CA ASN B 206 -28.49 -0.25 -19.25
C ASN B 206 -28.33 1.25 -19.49
N PRO B 207 -29.24 1.89 -20.25
CA PRO B 207 -29.02 3.28 -20.67
C PRO B 207 -29.30 4.30 -19.58
N PHE B 208 -29.88 3.90 -18.44
CA PHE B 208 -30.16 4.81 -17.35
C PHE B 208 -28.96 5.01 -16.45
N LEU B 209 -27.90 4.22 -16.63
CA LEU B 209 -26.69 4.35 -15.84
C LEU B 209 -25.72 5.28 -16.56
N HIS B 210 -25.21 6.27 -15.84
CA HIS B 210 -24.30 7.23 -16.42
C HIS B 210 -23.55 7.91 -15.28
N GLY B 211 -22.22 7.84 -15.33
CA GLY B 211 -21.41 8.46 -14.31
C GLY B 211 -20.39 7.51 -13.71
N SER C 4 -20.70 -20.80 23.83
CA SER C 4 -20.36 -21.20 22.47
C SER C 4 -18.93 -20.75 22.13
N ARG C 6 -15.22 -19.13 23.96
CA ARG C 6 -14.44 -18.92 25.17
C ARG C 6 -13.30 -17.97 24.83
N ILE C 7 -13.14 -16.93 25.65
CA ILE C 7 -12.12 -15.91 25.41
C ILE C 7 -11.11 -15.98 26.52
N SER C 8 -9.84 -16.06 26.15
CA SER C 8 -8.74 -16.10 27.10
C SER C 8 -7.82 -14.93 26.79
N SER C 9 -6.94 -14.61 27.73
CA SER C 9 -6.03 -13.52 27.44
C SER C 9 -4.68 -13.77 28.10
N LEU C 10 -3.68 -13.15 27.49
CA LEU C 10 -2.36 -13.00 28.06
C LEU C 10 -2.03 -11.53 28.04
N THR C 11 -1.35 -11.04 29.07
CA THR C 11 -0.87 -9.66 29.10
C THR C 11 0.64 -9.66 28.99
N LEU C 12 1.15 -9.05 27.91
CA LEU C 12 2.52 -9.30 27.47
C LEU C 12 3.19 -8.01 27.02
N GLY C 13 4.52 -8.09 26.89
CA GLY C 13 5.27 -7.07 26.19
C GLY C 13 5.65 -5.89 27.06
N LEU C 14 6.27 -4.90 26.41
CA LEU C 14 6.85 -3.77 27.12
C LEU C 14 5.78 -2.95 27.85
N VAL C 15 4.59 -2.82 27.26
CA VAL C 15 3.57 -1.94 27.81
C VAL C 15 2.31 -2.72 28.17
N ASP C 16 2.46 -4.01 28.45
CA ASP C 16 1.39 -4.80 29.05
C ASP C 16 0.12 -4.78 28.18
N THR C 17 0.28 -5.30 26.98
CA THR C 17 -0.84 -5.40 26.05
C THR C 17 -1.63 -6.67 26.29
N ASN C 18 -2.95 -6.58 26.15
CA ASN C 18 -3.79 -7.78 26.24
C ASN C 18 -3.89 -8.45 24.88
N THR C 19 -3.40 -9.67 24.79
CA THR C 19 -3.56 -10.52 23.61
C THR C 19 -4.69 -11.53 23.87
N TYR C 20 -5.67 -11.59 22.96
CA TYR C 20 -6.85 -12.40 23.23
C TYR C 20 -6.92 -13.64 22.34
N PHE C 21 -7.36 -14.74 22.94
CA PHE C 21 -7.60 -16.02 22.27
C PHE C 21 -9.10 -16.24 22.24
N ILE C 22 -9.68 -16.40 21.04
CA ILE C 22 -11.10 -16.66 20.89
C ILE C 22 -11.27 -18.07 20.36
N GLU C 23 -11.90 -18.94 21.16
CA GLU C 23 -12.14 -20.34 20.81
C GLU C 23 -13.61 -20.62 20.57
N ASN C 24 -13.91 -21.36 19.52
CA ASN C 24 -15.18 -22.05 19.45
C ASN C 24 -14.92 -23.52 19.70
N ASP C 25 -15.88 -24.37 19.34
CA ASP C 25 -15.70 -25.80 19.60
C ASP C 25 -14.61 -26.41 18.74
N LYS C 26 -14.24 -25.76 17.63
CA LYS C 26 -13.40 -26.38 16.61
C LYS C 26 -12.07 -25.70 16.38
N ALA C 27 -11.91 -24.43 16.75
CA ALA C 27 -10.78 -23.63 16.26
C ALA C 27 -10.58 -22.41 17.15
N VAL C 28 -9.53 -21.69 16.84
CA VAL C 28 -9.17 -20.47 17.63
C VAL C 28 -8.70 -19.36 16.70
N ILE C 29 -9.04 -18.11 17.06
CA ILE C 29 -8.50 -16.92 16.36
C ILE C 29 -7.73 -16.11 17.42
N LEU C 30 -6.75 -15.37 16.96
CA LEU C 30 -5.87 -14.63 17.88
C LEU C 30 -6.04 -13.14 17.58
N ILE C 31 -6.23 -12.40 18.64
CA ILE C 31 -6.33 -10.90 18.56
CA ILE C 31 -6.34 -10.90 18.56
C ILE C 31 -5.20 -10.11 19.29
N ASP C 32 -4.54 -9.32 18.44
CA ASP C 32 -3.44 -8.40 18.79
C ASP C 32 -2.32 -9.18 19.44
N PRO C 33 -1.45 -10.16 18.75
CA PRO C 33 -0.31 -10.93 19.27
C PRO C 33 0.79 -9.90 19.51
N SER C 34 0.90 -9.42 20.74
CA SER C 34 1.78 -8.26 21.02
C SER C 34 3.26 -8.58 21.11
N GLY C 35 3.59 -9.76 21.59
CA GLY C 35 4.99 -10.07 21.81
C GLY C 35 5.09 -11.38 22.59
N GLU C 36 6.32 -11.69 22.99
CA GLU C 36 6.63 -12.92 23.73
C GLU C 36 5.95 -14.12 23.07
N SER C 37 6.34 -14.35 21.81
CA SER C 37 5.58 -15.24 20.94
C SER C 37 5.60 -16.68 21.43
N GLU C 38 6.66 -17.09 22.13
CA GLU C 38 6.72 -18.46 22.64
C GLU C 38 5.68 -18.68 23.74
N LYS C 39 5.31 -17.64 24.48
CA LYS C 39 4.23 -17.76 25.43
C LYS C 39 2.89 -17.92 24.71
N ILE C 40 2.70 -17.18 23.61
CA ILE C 40 1.48 -17.30 22.83
C ILE C 40 1.39 -18.68 22.20
N ILE C 41 2.50 -19.16 21.64
CA ILE C 41 2.54 -20.45 20.97
C ILE C 41 2.23 -21.57 21.95
N LYS C 42 2.77 -21.47 23.17
CA LYS C 42 2.54 -22.52 24.15
C LYS C 42 1.06 -22.65 24.47
N LYS C 43 0.36 -21.52 24.63
CA LYS C 43 -1.07 -21.58 24.90
C LYS C 43 -1.85 -22.06 23.69
N LEU C 44 -1.41 -21.69 22.48
CA LEU C 44 -2.05 -22.24 21.28
C LEU C 44 -1.87 -23.75 21.22
N ASN C 45 -0.70 -24.24 21.59
CA ASN C 45 -0.48 -25.68 21.63
C ASN C 45 -1.37 -26.35 22.67
N GLN C 46 -1.61 -25.68 23.79
CA GLN C 46 -2.45 -26.29 24.82
C GLN C 46 -3.92 -26.29 24.43
N ILE C 47 -4.37 -25.30 23.66
CA ILE C 47 -5.78 -25.28 23.25
C ILE C 47 -6.09 -26.49 22.36
N ASN C 48 -5.15 -26.86 21.48
CA ASN C 48 -5.26 -28.06 20.65
C ASN C 48 -6.41 -27.95 19.66
N LYS C 49 -6.70 -26.73 19.22
CA LYS C 49 -7.57 -26.45 18.11
C LYS C 49 -6.81 -25.66 17.05
N PRO C 50 -7.05 -25.90 15.77
CA PRO C 50 -6.29 -25.17 14.75
C PRO C 50 -6.53 -23.66 14.82
N LEU C 51 -5.44 -22.90 14.72
CA LEU C 51 -5.52 -21.45 14.62
C LEU C 51 -5.90 -21.06 13.20
N LYS C 52 -6.87 -20.16 13.08
CA LYS C 52 -7.43 -19.87 11.77
C LYS C 52 -7.17 -18.45 11.27
N ALA C 53 -6.96 -17.48 12.16
CA ALA C 53 -6.72 -16.12 11.72
C ALA C 53 -6.15 -15.30 12.87
N ILE C 54 -5.51 -14.21 12.49
CA ILE C 54 -5.12 -13.16 13.41
C ILE C 54 -5.91 -11.92 13.05
N LEU C 55 -6.51 -11.30 14.05
CA LEU C 55 -7.20 -10.03 13.91
C LEU C 55 -6.38 -8.97 14.65
N LEU C 56 -6.30 -7.77 14.08
CA LEU C 56 -5.61 -6.66 14.74
C LEU C 56 -6.61 -5.55 15.00
N THR C 57 -6.76 -5.14 16.28
CA THR C 57 -7.53 -3.93 16.60
C THR C 57 -6.89 -2.71 15.95
N HIS C 58 -5.56 -2.64 16.00
CA HIS C 58 -4.81 -1.64 15.26
C HIS C 58 -3.35 -2.10 15.21
N ALA C 59 -2.50 -1.35 14.50
CA ALA C 59 -1.14 -1.80 14.19
C ALA C 59 -0.06 -0.96 14.87
N HIS C 60 -0.36 -0.40 16.03
CA HIS C 60 0.71 0.10 16.88
C HIS C 60 1.63 -1.06 17.28
N PHE C 61 2.91 -0.72 17.48
CA PHE C 61 3.95 -1.75 17.64
C PHE C 61 3.61 -2.74 18.75
N ASP C 62 2.93 -2.29 19.80
CA ASP C 62 2.73 -3.17 20.94
C ASP C 62 1.57 -4.15 20.75
N HIS C 63 0.92 -4.12 19.60
CA HIS C 63 -0.14 -5.06 19.32
C HIS C 63 0.26 -6.05 18.24
N ILE C 64 1.48 -5.91 17.69
CA ILE C 64 1.88 -6.69 16.52
C ILE C 64 3.23 -7.38 16.72
N GLY C 65 3.86 -7.25 17.88
CA GLY C 65 5.24 -7.69 18.03
C GLY C 65 5.46 -9.17 17.76
N ALA C 66 4.41 -9.98 17.90
CA ALA C 66 4.53 -11.43 17.73
C ALA C 66 3.85 -11.94 16.47
N VAL C 67 3.39 -11.04 15.59
CA VAL C 67 2.62 -11.47 14.42
C VAL C 67 3.47 -12.31 13.48
N ASP C 68 4.69 -11.86 13.18
CA ASP C 68 5.53 -12.59 12.24
C ASP C 68 5.84 -13.99 12.73
N ASP C 69 6.18 -14.13 14.03
CA ASP C 69 6.49 -15.44 14.58
C ASP C 69 5.31 -16.40 14.48
N ILE C 70 4.11 -15.92 14.75
CA ILE C 70 2.94 -16.77 14.70
C ILE C 70 2.62 -17.15 13.27
N VAL C 71 2.73 -16.20 12.34
CA VAL C 71 2.49 -16.51 10.93
C VAL C 71 3.57 -17.46 10.41
N ASP C 72 4.84 -17.24 10.81
CA ASP C 72 5.90 -18.16 10.42
C ASP C 72 5.62 -19.57 10.89
N ARG C 73 4.98 -19.72 12.06
CA ARG C 73 4.76 -21.06 12.57
C ARG C 73 3.51 -21.70 12.00
N PHE C 74 2.41 -20.94 11.91
CA PHE C 74 1.13 -21.55 11.58
C PHE C 74 0.55 -21.13 10.23
N ASP C 75 1.07 -20.08 9.61
CA ASP C 75 0.64 -19.61 8.29
C ASP C 75 -0.87 -19.36 8.24
N VAL C 76 -1.27 -18.27 8.87
CA VAL C 76 -2.67 -17.83 8.89
C VAL C 76 -2.71 -16.40 8.35
N PRO C 77 -3.84 -15.98 7.80
CA PRO C 77 -3.96 -14.61 7.34
C PRO C 77 -4.11 -13.67 8.52
N VAL C 78 -3.76 -12.41 8.27
CA VAL C 78 -3.85 -11.36 9.28
C VAL C 78 -4.81 -10.31 8.75
N TYR C 79 -5.84 -10.00 9.53
CA TYR C 79 -6.88 -9.07 9.11
C TYR C 79 -6.76 -7.77 9.89
N HIS C 81 -7.75 -3.10 9.38
CA HIS C 81 -8.27 -2.02 8.55
C HIS C 81 -7.19 -1.47 7.65
N GLU C 82 -7.57 -1.22 6.39
CA GLU C 82 -6.64 -0.78 5.36
C GLU C 82 -5.93 0.52 5.71
N ALA C 83 -6.51 1.37 6.55
CA ALA C 83 -5.89 2.66 6.84
C ALA C 83 -4.59 2.53 7.63
N GLU C 84 -4.25 1.33 8.09
CA GLU C 84 -3.03 1.14 8.86
C GLU C 84 -2.11 0.07 8.27
N PHE C 85 -2.34 -0.36 7.03
CA PHE C 85 -1.36 -1.19 6.34
C PHE C 85 0.03 -0.56 6.42
N ASP C 86 0.08 0.77 6.37
CA ASP C 86 1.34 1.51 6.48
C ASP C 86 2.08 1.21 7.78
N PHE C 87 1.34 1.06 8.88
CA PHE C 87 1.96 0.99 10.20
C PHE C 87 2.87 -0.23 10.33
N LEU C 88 2.56 -1.31 9.61
CA LEU C 88 3.21 -2.60 9.87
C LEU C 88 4.72 -2.51 9.70
N LYS C 89 5.17 -1.88 8.62
CA LYS C 89 6.59 -1.80 8.30
C LYS C 89 7.23 -0.50 8.75
N ASP C 90 6.46 0.43 9.32
CA ASP C 90 6.98 1.76 9.61
C ASP C 90 7.05 2.05 11.10
N PRO C 91 8.24 1.99 11.71
CA PRO C 91 8.34 2.23 13.17
C PRO C 91 7.98 3.65 13.59
N VAL C 92 8.04 4.64 12.69
CA VAL C 92 7.65 5.98 13.11
C VAL C 92 6.13 6.09 13.17
N LYS C 93 5.42 5.39 12.29
CA LYS C 93 3.96 5.43 12.33
C LYS C 93 3.41 4.49 13.39
N ASN C 94 4.03 3.34 13.60
CA ASN C 94 3.48 2.41 14.58
C ASN C 94 3.98 2.65 16.00
N GLY C 95 4.95 3.55 16.18
CA GLY C 95 5.39 3.95 17.50
C GLY C 95 6.65 3.28 17.99
N ALA C 96 7.16 2.26 17.28
CA ALA C 96 8.34 1.55 17.74
C ALA C 96 9.60 2.41 17.67
N ASP C 97 9.54 3.54 16.95
CA ASP C 97 10.69 4.46 16.77
C ASP C 97 11.26 4.82 18.15
N LYS C 98 10.42 5.15 19.11
CA LYS C 98 10.96 5.40 20.47
C LYS C 98 11.52 4.08 21.00
N LEU C 104 17.10 -2.22 22.52
CA LEU C 104 15.70 -2.59 22.38
C LEU C 104 15.37 -2.92 20.93
N PRO C 105 15.05 -4.20 20.66
CA PRO C 105 14.78 -4.62 19.29
C PRO C 105 13.61 -3.86 18.68
N THR C 108 8.51 -4.40 13.82
CA THR C 108 7.80 -4.27 12.56
C THR C 108 7.18 -5.61 12.21
N SER C 109 6.47 -5.66 11.08
CA SER C 109 5.88 -6.91 10.60
C SER C 109 6.02 -6.98 9.09
N LYS C 110 6.49 -8.15 8.62
CA LYS C 110 6.71 -8.44 7.22
C LYS C 110 5.44 -8.87 6.49
N VAL C 111 4.39 -9.24 7.23
CA VAL C 111 3.25 -9.96 6.66
C VAL C 111 2.44 -9.05 5.77
N THR C 112 1.82 -9.64 4.73
CA THR C 112 0.89 -8.92 3.87
C THR C 112 -0.51 -9.10 4.43
N PRO C 113 -1.14 -8.05 4.95
CA PRO C 113 -2.42 -8.21 5.64
C PRO C 113 -3.60 -8.27 4.68
N GLU C 114 -4.73 -8.70 5.22
CA GLU C 114 -6.01 -8.70 4.52
C GLU C 114 -6.90 -7.59 5.08
N LYS C 115 -7.72 -6.99 4.23
CA LYS C 115 -8.56 -5.87 4.60
C LYS C 115 -9.79 -6.33 5.36
N LEU C 116 -10.20 -5.55 6.35
CA LEU C 116 -11.47 -5.76 7.05
C LEU C 116 -12.17 -4.42 7.16
N ASN C 117 -13.43 -4.37 6.74
CA ASN C 117 -14.23 -3.16 6.86
C ASN C 117 -15.33 -3.37 7.90
N GLU C 118 -15.89 -2.23 8.34
CA GLU C 118 -17.05 -2.24 9.21
C GLU C 118 -18.14 -3.13 8.62
N GLY C 119 -18.78 -3.89 9.49
CA GLY C 119 -19.90 -4.70 9.03
C GLY C 119 -19.89 -6.08 9.64
N SER C 120 -20.97 -6.83 9.39
CA SER C 120 -21.04 -8.21 9.82
C SER C 120 -20.05 -9.05 9.04
N THR C 121 -19.27 -9.86 9.75
CA THR C 121 -18.21 -10.64 9.13
C THR C 121 -18.31 -12.09 9.59
N GLU C 122 -17.74 -12.98 8.80
CA GLU C 122 -17.53 -14.36 9.23
C GLU C 122 -16.22 -14.86 8.63
N ILE C 123 -15.31 -15.29 9.49
CA ILE C 123 -13.97 -15.72 9.07
C ILE C 123 -13.74 -17.09 9.68
N GLU C 124 -13.63 -18.11 8.82
CA GLU C 124 -13.33 -19.47 9.25
C GLU C 124 -14.28 -19.94 10.35
N GLY C 125 -15.58 -19.68 10.13
CA GLY C 125 -16.61 -20.11 11.05
C GLY C 125 -16.86 -19.22 12.24
N PHE C 126 -16.05 -18.18 12.44
CA PHE C 126 -16.27 -17.22 13.52
C PHE C 126 -17.09 -16.06 13.00
N LYS C 127 -18.25 -15.82 13.61
CA LYS C 127 -19.14 -14.73 13.20
C LYS C 127 -19.00 -13.58 14.19
N PHE C 128 -18.78 -12.37 13.67
CA PHE C 128 -18.67 -11.19 14.50
C PHE C 128 -18.95 -9.95 13.68
N ASN C 129 -19.13 -8.84 14.37
CA ASN C 129 -19.40 -7.53 13.79
C ASN C 129 -18.18 -6.64 13.97
N VAL C 130 -17.74 -6.00 12.90
CA VAL C 130 -16.61 -5.08 12.95
C VAL C 130 -17.15 -3.66 13.06
N LEU C 131 -16.66 -2.91 14.05
CA LEU C 131 -16.92 -1.47 14.11
C LEU C 131 -15.62 -0.75 13.78
N HIS C 132 -15.67 0.18 12.84
CA HIS C 132 -14.56 1.10 12.61
C HIS C 132 -14.62 2.16 13.70
N THR C 133 -13.63 2.17 14.60
CA THR C 133 -13.63 3.05 15.77
C THR C 133 -12.35 3.87 15.86
N PRO C 134 -12.13 4.79 14.93
CA PRO C 134 -10.86 5.52 14.87
C PRO C 134 -10.79 6.65 15.89
N GLY C 135 -9.63 7.30 15.92
CA GLY C 135 -9.41 8.44 16.80
C GLY C 135 -8.16 8.24 17.63
N HIS C 136 -8.01 7.06 18.21
CA HIS C 136 -6.71 6.68 18.75
C HIS C 136 -5.74 6.34 17.62
N SER C 137 -6.22 5.63 16.61
CA SER C 137 -5.47 5.39 15.38
C SER C 137 -6.45 5.29 14.22
N PRO C 138 -6.03 5.62 12.99
CA PRO C 138 -7.00 5.74 11.89
C PRO C 138 -7.63 4.42 11.48
N GLY C 139 -7.00 3.29 11.76
CA GLY C 139 -7.57 2.00 11.39
C GLY C 139 -8.03 1.16 12.55
N SER C 140 -8.31 1.79 13.69
CA SER C 140 -8.79 1.05 14.86
C SER C 140 -10.12 0.37 14.55
N LEU C 141 -10.18 -0.93 14.87
CA LEU C 141 -11.37 -1.74 14.71
C LEU C 141 -11.78 -2.31 16.06
N THR C 142 -13.08 -2.37 16.30
CA THR C 142 -13.64 -3.06 17.45
C THR C 142 -14.36 -4.30 16.96
N TYR C 143 -14.11 -5.44 17.60
CA TYR C 143 -14.65 -6.72 17.17
C TYR C 143 -15.74 -7.17 18.15
N VAL C 144 -16.97 -7.22 17.67
CA VAL C 144 -18.13 -7.44 18.54
C VAL C 144 -18.60 -8.87 18.35
N PHE C 145 -18.48 -9.67 19.40
CA PHE C 145 -18.96 -11.03 19.38
C PHE C 145 -20.28 -11.12 20.14
N ASP C 146 -20.89 -12.30 20.14
CA ASP C 146 -22.20 -12.44 20.78
C ASP C 146 -22.16 -12.12 22.28
N GLU C 147 -21.07 -12.48 22.98
CA GLU C 147 -21.02 -12.35 24.43
C GLU C 147 -19.92 -11.44 24.95
N PHE C 148 -19.15 -10.79 24.07
CA PHE C 148 -18.09 -9.88 24.49
C PHE C 148 -17.65 -9.09 23.27
N ALA C 149 -16.92 -8.00 23.50
CA ALA C 149 -16.31 -7.23 22.42
C ALA C 149 -14.86 -6.95 22.80
N VAL C 150 -14.01 -6.85 21.80
CA VAL C 150 -12.60 -6.54 21.98
C VAL C 150 -12.40 -5.18 21.32
N VAL C 151 -12.06 -4.17 22.12
CA VAL C 151 -12.18 -2.78 21.69
C VAL C 151 -10.85 -2.11 21.39
N GLY C 152 -9.72 -2.80 21.56
CA GLY C 152 -8.46 -2.16 21.24
C GLY C 152 -8.17 -1.00 22.20
N ASP C 153 -7.48 0.02 21.69
CA ASP C 153 -7.03 1.14 22.53
C ASP C 153 -7.99 2.31 22.47
N THR C 154 -9.29 2.05 22.65
CA THR C 154 -10.30 3.08 22.51
C THR C 154 -10.83 3.47 23.89
N LEU C 155 -11.67 2.62 24.44
CA LEU C 155 -12.24 2.80 25.78
C LEU C 155 -11.56 1.85 26.75
N PHE C 156 -10.94 2.39 27.79
CA PHE C 156 -10.35 1.60 28.88
C PHE C 156 -11.27 1.64 30.09
N ASN C 157 -10.97 0.77 31.06
CA ASN C 157 -11.64 0.93 32.33
C ASN C 157 -11.25 2.28 32.96
N ASN C 158 -12.23 3.16 33.12
CA ASN C 158 -12.01 4.53 33.64
C ASN C 158 -10.87 5.23 32.89
N GLY C 159 -10.84 5.08 31.58
CA GLY C 159 -9.77 5.70 30.82
C GLY C 159 -10.15 5.76 29.36
N ILE C 160 -9.25 6.37 28.56
CA ILE C 160 -9.43 6.44 27.11
C ILE C 160 -8.07 6.29 26.45
N GLY C 161 -8.06 5.79 25.21
CA GLY C 161 -6.82 5.76 24.46
C GLY C 161 -6.27 7.17 24.25
N ARG C 162 -4.94 7.27 24.19
CA ARG C 162 -4.32 8.56 23.94
C ARG C 162 -4.59 8.99 22.50
N THR C 163 -4.64 10.30 22.27
CA THR C 163 -4.99 10.81 20.95
C THR C 163 -3.92 11.73 20.38
N ASP C 164 -2.68 11.59 20.86
CA ASP C 164 -1.58 12.41 20.39
C ASP C 164 -0.60 11.63 19.52
N LEU C 165 -0.92 10.40 19.13
CA LEU C 165 -0.02 9.62 18.30
C LEU C 165 -0.31 9.97 16.83
N TYR C 166 0.34 9.26 15.92
CA TYR C 166 0.25 9.60 14.49
C TYR C 166 -1.18 9.41 14.00
N LYS C 167 -1.76 10.48 13.46
CA LYS C 167 -3.12 10.54 12.94
C LYS C 167 -4.18 10.34 14.03
N GLY C 168 -3.83 10.57 15.28
CA GLY C 168 -4.82 10.55 16.35
C GLY C 168 -5.61 11.84 16.40
N ASP C 169 -6.82 11.75 16.96
CA ASP C 169 -7.66 12.94 17.11
C ASP C 169 -8.67 12.70 18.22
N TYR C 170 -8.72 13.63 19.16
CA TYR C 170 -9.53 13.46 20.37
C TYR C 170 -11.03 13.42 20.05
N GLU C 171 -11.53 14.41 19.32
CA GLU C 171 -12.96 14.43 19.04
C GLU C 171 -13.38 13.19 18.25
N THR C 172 -12.53 12.73 17.33
CA THR C 172 -12.86 11.51 16.59
C THR C 172 -13.01 10.30 17.52
N LEU C 173 -12.13 10.17 18.51
CA LEU C 173 -12.21 9.02 19.40
C LEU C 173 -13.43 9.12 20.33
N VAL C 174 -13.72 10.32 20.83
CA VAL C 174 -14.94 10.52 21.60
C VAL C 174 -16.16 10.11 20.81
N ASP C 175 -16.21 10.49 19.53
CA ASP C 175 -17.32 10.11 18.66
C ASP C 175 -17.39 8.59 18.49
N SER C 176 -16.25 7.95 18.24
CA SER C 176 -16.24 6.50 18.07
CA SER C 176 -16.24 6.50 18.07
CA SER C 176 -16.26 6.50 18.06
C SER C 176 -16.78 5.79 19.31
N ILE C 177 -16.37 6.25 20.49
CA ILE C 177 -16.83 5.63 21.72
C ILE C 177 -18.32 5.90 21.93
N GLN C 178 -18.72 7.18 21.80
CA GLN C 178 -20.10 7.56 22.13
C GLN C 178 -21.08 7.10 21.06
N ASP C 179 -20.69 7.15 19.80
CA ASP C 179 -21.65 6.84 18.73
C ASP C 179 -21.68 5.36 18.38
N LYS C 180 -20.58 4.64 18.60
CA LYS C 180 -20.52 3.25 18.18
C LYS C 180 -20.38 2.29 19.35
N ILE C 181 -19.31 2.41 20.16
CA ILE C 181 -19.11 1.45 21.25
C ILE C 181 -20.23 1.55 22.28
N PHE C 182 -20.71 2.77 22.54
CA PHE C 182 -21.81 2.97 23.50
C PHE C 182 -23.16 2.48 22.98
N GLU C 183 -23.21 1.93 21.76
CA GLU C 183 -24.46 1.35 21.25
C GLU C 183 -24.56 -0.12 21.59
N LEU C 184 -23.47 -0.72 22.06
CA LEU C 184 -23.44 -2.11 22.49
C LEU C 184 -24.27 -2.30 23.76
N GLU C 185 -24.74 -3.53 23.96
CA GLU C 185 -25.41 -3.94 25.19
C GLU C 185 -24.70 -3.40 26.42
N GLY C 186 -25.48 -2.84 27.35
CA GLY C 186 -24.89 -2.11 28.45
C GLY C 186 -23.97 -2.92 29.35
N ASP C 187 -24.28 -4.21 29.52
CA ASP C 187 -23.47 -5.06 30.38
C ASP C 187 -22.57 -6.01 29.58
N LEU C 188 -22.42 -5.77 28.29
CA LEU C 188 -21.52 -6.60 27.49
C LEU C 188 -20.08 -6.37 27.95
N PRO C 189 -19.34 -7.43 28.28
CA PRO C 189 -17.92 -7.22 28.66
C PRO C 189 -17.14 -6.67 27.48
N LEU C 190 -16.39 -5.60 27.74
CA LEU C 190 -15.52 -4.95 26.76
C LEU C 190 -14.07 -5.23 27.16
N PHE C 191 -13.31 -5.80 26.24
CA PHE C 191 -11.91 -6.17 26.53
C PHE C 191 -10.95 -5.26 25.77
N PRO C 192 -10.32 -4.31 26.43
CA PRO C 192 -9.46 -3.33 25.75
C PRO C 192 -8.02 -3.81 25.61
N GLY C 193 -7.23 -3.00 24.91
CA GLY C 193 -5.86 -3.37 24.64
C GLY C 193 -4.98 -3.33 25.86
N HIS C 194 -5.41 -2.63 26.90
CA HIS C 194 -4.63 -2.48 28.12
C HIS C 194 -5.59 -2.36 29.28
N GLY C 195 -5.17 -2.90 30.42
CA GLY C 195 -5.94 -2.78 31.63
C GLY C 195 -7.08 -3.78 31.69
N PRO C 196 -7.88 -3.68 32.74
CA PRO C 196 -8.98 -4.62 32.94
C PRO C 196 -10.18 -4.28 32.05
N TYR C 197 -11.09 -5.26 31.97
CA TYR C 197 -12.31 -5.12 31.22
C TYR C 197 -13.23 -4.09 31.87
N THR C 198 -14.23 -3.65 31.11
CA THR C 198 -15.29 -2.79 31.62
C THR C 198 -16.53 -3.01 30.76
N THR C 199 -17.52 -2.12 30.90
CA THR C 199 -18.78 -2.20 30.17
C THR C 199 -19.24 -0.80 29.79
N VAL C 200 -20.13 -0.76 28.77
CA VAL C 200 -20.77 0.49 28.37
C VAL C 200 -21.42 1.16 29.57
N ASP C 201 -22.20 0.39 30.35
CA ASP C 201 -22.87 0.97 31.51
C ASP C 201 -21.85 1.52 32.51
N ASP C 202 -20.75 0.81 32.74
CA ASP C 202 -19.79 1.31 33.72
C ASP C 202 -19.07 2.57 33.26
N GLU C 203 -19.03 2.84 31.96
CA GLU C 203 -18.26 3.98 31.47
C GLU C 203 -19.14 5.16 31.07
N GLN C 204 -20.42 5.15 31.46
CA GLN C 204 -21.32 6.24 31.06
C GLN C 204 -20.81 7.59 31.54
N LEU C 205 -20.24 7.64 32.75
CA LEU C 205 -19.72 8.90 33.29
C LEU C 205 -18.20 8.97 33.23
N ASN C 206 -17.61 8.28 32.26
CA ASN C 206 -16.17 8.36 32.03
C ASN C 206 -15.77 9.81 31.84
N PRO C 207 -14.85 10.33 32.67
CA PRO C 207 -14.57 11.78 32.67
C PRO C 207 -13.65 12.21 31.54
N PHE C 208 -13.11 11.26 30.77
CA PHE C 208 -12.28 11.61 29.64
C PHE C 208 -13.12 11.90 28.39
N LEU C 209 -14.41 11.56 28.40
CA LEU C 209 -15.34 11.84 27.31
C LEU C 209 -15.99 13.22 27.53
N HIS C 210 -15.84 14.09 26.54
CA HIS C 210 -16.41 15.43 26.62
C HIS C 210 -16.56 15.99 25.21
N ALA D 3 24.81 -9.44 11.15
CA ALA D 3 23.77 -10.01 10.30
C ALA D 3 24.31 -10.29 8.89
N SER D 4 23.98 -9.41 7.95
CA SER D 4 24.29 -9.67 6.55
C SER D 4 25.73 -9.35 6.21
N ARG D 6 29.89 -8.18 7.46
CA ARG D 6 30.99 -8.06 8.41
C ARG D 6 31.97 -7.05 7.84
N ILE D 7 32.28 -6.00 8.60
CA ILE D 7 33.27 -5.00 8.18
C ILE D 7 34.53 -5.19 9.01
N SER D 8 35.66 -5.29 8.34
CA SER D 8 36.97 -5.42 8.97
C SER D 8 37.85 -4.27 8.52
N SER D 9 38.91 -4.00 9.27
CA SER D 9 39.78 -2.93 8.81
C SER D 9 41.23 -3.24 9.15
N LEU D 10 42.12 -2.71 8.30
CA LEU D 10 43.54 -2.65 8.54
C LEU D 10 43.92 -1.18 8.48
N THR D 11 44.84 -0.76 9.35
CA THR D 11 45.39 0.58 9.34
C THR D 11 46.82 0.50 8.82
N LEU D 12 47.07 1.12 7.68
CA LEU D 12 48.23 0.79 6.87
C LEU D 12 48.91 2.05 6.36
N GLY D 13 50.15 1.87 5.93
CA GLY D 13 50.83 2.90 5.17
C GLY D 13 51.44 3.99 6.02
N LEU D 14 52.00 4.98 5.31
CA LEU D 14 52.83 6.00 5.95
C LEU D 14 52.01 6.85 6.93
N VAL D 15 50.76 7.13 6.60
CA VAL D 15 49.96 8.05 7.39
C VAL D 15 48.74 7.36 7.98
N ASP D 16 48.84 6.05 8.23
CA ASP D 16 47.87 5.32 9.03
C ASP D 16 46.45 5.46 8.47
N THR D 17 46.26 4.90 7.28
CA THR D 17 44.97 4.95 6.60
C THR D 17 44.14 3.72 6.93
N ASN D 18 42.84 3.91 7.14
CA ASN D 18 41.97 2.77 7.39
C ASN D 18 41.52 2.19 6.06
N THR D 19 41.90 0.94 5.81
CA THR D 19 41.44 0.17 4.67
C THR D 19 40.36 -0.81 5.13
N TYR D 20 39.21 -0.82 4.46
CA TYR D 20 38.08 -1.58 4.93
C TYR D 20 37.76 -2.78 4.04
N PHE D 21 37.42 -3.89 4.69
CA PHE D 21 36.98 -5.14 4.06
C PHE D 21 35.50 -5.31 4.37
N ILE D 22 34.66 -5.37 3.34
CA ILE D 22 33.22 -5.57 3.53
C ILE D 22 32.85 -6.94 2.97
N GLU D 23 32.45 -7.88 3.84
CA GLU D 23 32.06 -9.22 3.40
C GLU D 23 30.57 -9.43 3.60
N ASN D 24 29.95 -10.13 2.64
CA ASN D 24 28.67 -10.77 2.89
C ASN D 24 28.91 -12.28 2.97
N ASP D 25 27.84 -13.07 2.79
CA ASP D 25 27.99 -14.50 2.96
C ASP D 25 28.82 -15.16 1.85
N LYS D 26 29.07 -14.49 0.72
CA LYS D 26 29.76 -15.17 -0.37
C LYS D 26 30.82 -14.36 -1.10
N ALA D 27 31.09 -13.12 -0.71
CA ALA D 27 32.07 -12.31 -1.45
C ALA D 27 32.56 -11.20 -0.53
N VAL D 28 33.48 -10.39 -1.05
CA VAL D 28 34.07 -9.29 -0.30
C VAL D 28 34.34 -8.12 -1.24
N ILE D 29 34.20 -6.90 -0.72
CA ILE D 29 34.65 -5.71 -1.42
C ILE D 29 35.62 -4.95 -0.52
N LEU D 30 36.53 -4.22 -1.17
CA LEU D 30 37.63 -3.52 -0.48
C LEU D 30 37.44 -2.03 -0.68
N ILE D 31 37.67 -1.24 0.36
CA ILE D 31 37.53 0.22 0.27
C ILE D 31 38.85 0.84 0.69
N ASP D 32 39.39 1.70 -0.17
CA ASP D 32 40.61 2.47 0.09
C ASP D 32 41.83 1.60 0.36
N PRO D 33 42.29 0.78 -0.60
CA PRO D 33 43.50 -0.02 -0.39
C PRO D 33 44.74 0.87 -0.32
N SER D 34 45.17 1.18 0.89
CA SER D 34 46.08 2.29 1.10
C SER D 34 47.53 1.96 0.76
N GLY D 35 47.96 0.73 1.05
CA GLY D 35 49.35 0.37 0.92
C GLY D 35 49.56 -0.99 1.55
N GLU D 36 50.83 -1.38 1.68
CA GLU D 36 51.21 -2.66 2.27
C GLU D 36 50.35 -3.79 1.71
N SER D 37 50.42 -3.93 0.38
CA SER D 37 49.47 -4.76 -0.34
C SER D 37 49.54 -6.22 0.06
N GLU D 38 50.72 -6.70 0.44
CA GLU D 38 50.85 -8.09 0.88
C GLU D 38 49.99 -8.36 2.11
N LYS D 39 49.93 -7.40 3.03
CA LYS D 39 49.05 -7.53 4.20
C LYS D 39 47.59 -7.61 3.79
N ILE D 40 47.19 -6.82 2.80
CA ILE D 40 45.82 -6.88 2.31
C ILE D 40 45.55 -8.23 1.66
N ILE D 41 46.50 -8.72 0.86
CA ILE D 41 46.31 -9.99 0.17
C ILE D 41 46.20 -11.14 1.15
N LYS D 42 47.02 -11.15 2.20
CA LYS D 42 46.93 -12.22 3.18
C LYS D 42 45.56 -12.27 3.82
N LYS D 43 44.99 -11.10 4.16
CA LYS D 43 43.64 -11.05 4.72
C LYS D 43 42.59 -11.48 3.69
N LEU D 44 42.73 -11.03 2.44
CA LEU D 44 41.81 -11.51 1.41
C LEU D 44 41.89 -13.02 1.27
N ASN D 45 43.09 -13.59 1.45
CA ASN D 45 43.22 -15.03 1.34
C ASN D 45 42.54 -15.73 2.51
N GLN D 46 42.74 -15.21 3.72
CA GLN D 46 42.08 -15.79 4.89
C GLN D 46 40.56 -15.75 4.75
N ILE D 47 40.02 -14.62 4.28
CA ILE D 47 38.57 -14.48 4.14
C ILE D 47 38.02 -15.60 3.26
N ASN D 48 38.72 -15.95 2.18
CA ASN D 48 38.39 -17.12 1.36
C ASN D 48 37.06 -16.96 0.64
N LYS D 49 36.72 -15.73 0.27
CA LYS D 49 35.60 -15.36 -0.58
C LYS D 49 36.12 -14.52 -1.73
N PRO D 50 35.51 -14.62 -2.91
CA PRO D 50 35.99 -13.82 -4.05
C PRO D 50 35.85 -12.33 -3.83
N LEU D 51 36.95 -11.61 -4.09
CA LEU D 51 36.91 -10.15 -4.12
C LEU D 51 36.14 -9.67 -5.36
N LYS D 52 35.17 -8.78 -5.16
CA LYS D 52 34.32 -8.40 -6.29
C LYS D 52 34.57 -6.99 -6.80
N ALA D 53 35.03 -6.08 -5.94
CA ALA D 53 35.22 -4.71 -6.38
C ALA D 53 36.10 -3.99 -5.38
N ILE D 54 36.67 -2.88 -5.84
CA ILE D 54 37.32 -1.91 -4.99
C ILE D 54 36.54 -0.61 -5.11
N LEU D 55 36.27 0.03 -3.97
CA LEU D 55 35.66 1.35 -3.90
C LEU D 55 36.66 2.33 -3.32
N LEU D 56 36.67 3.56 -3.83
CA LEU D 56 37.51 4.61 -3.26
C LEU D 56 36.62 5.72 -2.70
N THR D 57 36.83 6.06 -1.42
CA THR D 57 36.23 7.28 -0.89
C THR D 57 36.74 8.50 -1.64
N HIS D 58 38.02 8.51 -1.97
CA HIS D 58 38.66 9.54 -2.77
C HIS D 58 40.04 9.03 -3.15
N ALA D 59 40.72 9.78 -4.03
CA ALA D 59 41.94 9.28 -4.66
C ALA D 59 43.20 10.01 -4.23
N HIS D 60 43.23 10.54 -3.00
CA HIS D 60 44.50 10.92 -2.42
C HIS D 60 45.41 9.70 -2.32
N PHE D 61 46.72 9.93 -2.43
CA PHE D 61 47.66 8.83 -2.57
C PHE D 61 47.53 7.79 -1.46
N ASP D 62 47.25 8.23 -0.23
CA ASP D 62 47.26 7.32 0.90
C ASP D 62 46.02 6.43 0.95
N HIS D 63 45.14 6.58 -0.02
CA HIS D 63 43.96 5.74 -0.12
C HIS D 63 44.05 4.80 -1.33
N ILE D 64 45.16 4.83 -2.07
CA ILE D 64 45.23 4.12 -3.34
C ILE D 64 46.55 3.39 -3.53
N GLY D 65 47.44 3.49 -2.54
CA GLY D 65 48.76 2.89 -2.68
C GLY D 65 48.77 1.43 -3.11
N ALA D 66 47.80 0.64 -2.66
CA ALA D 66 47.78 -0.79 -2.97
C ALA D 66 46.84 -1.16 -4.11
N VAL D 67 46.22 -0.18 -4.78
CA VAL D 67 45.19 -0.49 -5.77
C VAL D 67 45.73 -1.36 -6.89
N ASP D 68 46.86 -0.97 -7.48
CA ASP D 68 47.35 -1.72 -8.63
C ASP D 68 47.81 -3.12 -8.25
N ASP D 69 48.41 -3.27 -7.06
CA ASP D 69 48.84 -4.60 -6.63
C ASP D 69 47.65 -5.53 -6.43
N ILE D 70 46.52 -5.00 -5.96
CA ILE D 70 45.33 -5.82 -5.75
C ILE D 70 44.68 -6.17 -7.08
N VAL D 71 44.59 -5.19 -7.99
CA VAL D 71 44.00 -5.43 -9.30
C VAL D 71 44.86 -6.39 -10.10
N ASP D 72 46.18 -6.33 -9.95
CA ASP D 72 47.05 -7.28 -10.63
C ASP D 72 46.78 -8.71 -10.16
N ARG D 73 46.49 -8.89 -8.87
CA ARG D 73 46.30 -10.23 -8.34
C ARG D 73 44.90 -10.77 -8.64
N PHE D 74 43.88 -9.92 -8.59
CA PHE D 74 42.51 -10.39 -8.58
C PHE D 74 41.62 -9.85 -9.71
N ASP D 75 42.08 -8.85 -10.45
CA ASP D 75 41.34 -8.27 -11.59
C ASP D 75 39.90 -7.94 -11.23
N VAL D 76 39.70 -6.83 -10.55
CA VAL D 76 38.36 -6.36 -10.18
C VAL D 76 38.24 -4.90 -10.58
N PRO D 77 37.03 -4.40 -10.85
CA PRO D 77 36.89 -2.97 -11.18
C PRO D 77 37.11 -2.10 -9.95
N VAL D 78 37.53 -0.86 -10.21
CA VAL D 78 37.76 0.15 -9.19
C VAL D 78 36.77 1.27 -9.45
N TYR D 79 35.92 1.56 -8.46
CA TYR D 79 34.87 2.55 -8.59
C TYR D 79 35.23 3.81 -7.81
N HIS D 81 34.30 8.51 -7.78
CA HIS D 81 33.67 9.65 -8.43
C HIS D 81 34.55 10.18 -9.55
N GLU D 82 33.92 10.52 -10.68
CA GLU D 82 34.70 10.92 -11.85
C GLU D 82 35.49 12.20 -11.63
N ALA D 83 35.10 13.03 -10.65
CA ALA D 83 35.81 14.27 -10.41
C ALA D 83 37.23 14.07 -9.92
N GLU D 84 37.63 12.83 -9.61
CA GLU D 84 39.00 12.57 -9.16
C GLU D 84 39.67 11.49 -9.99
N PHE D 85 39.14 11.18 -11.17
CA PHE D 85 39.87 10.34 -12.11
C PHE D 85 41.31 10.81 -12.28
N ASP D 86 41.52 12.12 -12.42
CA ASP D 86 42.87 12.63 -12.68
C ASP D 86 43.73 12.68 -11.42
N PHE D 87 43.17 12.41 -10.24
CA PHE D 87 44.02 12.25 -9.05
C PHE D 87 44.83 10.95 -9.12
N LEU D 88 44.31 9.93 -9.79
CA LEU D 88 44.94 8.62 -9.77
C LEU D 88 46.34 8.67 -10.36
N LYS D 89 46.53 9.46 -11.42
CA LYS D 89 47.76 9.49 -12.18
C LYS D 89 48.60 10.73 -11.92
N ASP D 90 48.20 11.60 -11.01
CA ASP D 90 48.91 12.86 -10.81
C ASP D 90 49.40 12.96 -9.38
N PRO D 91 50.71 12.77 -9.13
CA PRO D 91 51.21 12.81 -7.74
C PRO D 91 51.10 14.19 -7.11
N VAL D 92 51.03 15.25 -7.90
CA VAL D 92 50.86 16.59 -7.33
C VAL D 92 49.46 16.75 -6.75
N LYS D 93 48.45 16.32 -7.51
CA LYS D 93 47.07 16.46 -7.03
C LYS D 93 46.77 15.50 -5.89
N ASN D 94 47.26 14.27 -5.98
CA ASN D 94 46.89 13.27 -4.98
C ASN D 94 47.77 13.31 -3.73
N GLY D 95 48.92 13.98 -3.79
CA GLY D 95 49.73 14.23 -2.61
C GLY D 95 50.99 13.41 -2.50
N ALA D 96 51.21 12.44 -3.38
CA ALA D 96 52.42 11.62 -3.33
C ALA D 96 53.64 12.44 -3.74
N SER D 109 48.28 5.37 -9.53
CA SER D 109 47.61 4.14 -9.91
C SER D 109 47.34 4.10 -11.42
N LYS D 110 47.72 2.98 -12.04
CA LYS D 110 47.65 2.79 -13.48
C LYS D 110 46.29 2.31 -13.96
N VAL D 111 45.38 1.97 -13.05
CA VAL D 111 44.14 1.32 -13.44
C VAL D 111 43.20 2.32 -14.12
N THR D 112 42.24 1.78 -14.89
CA THR D 112 41.20 2.59 -15.52
C THR D 112 39.95 2.52 -14.67
N PRO D 113 39.51 3.61 -14.05
CA PRO D 113 38.40 3.53 -13.10
C PRO D 113 37.04 3.57 -13.76
N GLU D 114 36.06 3.09 -13.01
CA GLU D 114 34.65 3.21 -13.37
C GLU D 114 34.01 4.27 -12.48
N LYS D 115 33.09 5.04 -13.02
CA LYS D 115 32.50 6.12 -12.23
C LYS D 115 31.31 5.62 -11.40
N LEU D 116 31.12 6.27 -10.25
CA LEU D 116 29.96 6.09 -9.37
C LEU D 116 29.35 7.45 -9.10
N ASN D 117 28.05 7.58 -9.33
CA ASN D 117 27.31 8.78 -8.94
C ASN D 117 26.57 8.54 -7.63
N GLU D 118 26.02 9.62 -7.10
CA GLU D 118 25.23 9.55 -5.88
C GLU D 118 23.96 8.74 -6.11
N GLY D 119 23.48 8.09 -5.06
CA GLY D 119 22.22 7.36 -5.13
C GLY D 119 22.40 5.91 -4.74
N SER D 120 21.27 5.19 -4.73
CA SER D 120 21.33 3.80 -4.34
C SER D 120 22.11 3.03 -5.40
N THR D 121 22.89 2.06 -4.94
CA THR D 121 23.79 1.32 -5.81
C THR D 121 23.74 -0.15 -5.43
N GLU D 122 23.98 -1.01 -6.41
CA GLU D 122 24.25 -2.41 -6.10
C GLU D 122 25.37 -2.90 -6.99
N ILE D 123 26.42 -3.42 -6.39
CA ILE D 123 27.58 -3.90 -7.13
C ILE D 123 27.86 -5.33 -6.67
N GLU D 124 27.71 -6.29 -7.57
CA GLU D 124 28.00 -7.70 -7.28
C GLU D 124 27.27 -8.16 -6.02
N GLY D 125 25.98 -7.88 -5.94
CA GLY D 125 25.18 -8.28 -4.80
C GLY D 125 25.32 -7.43 -3.54
N PHE D 126 26.17 -6.40 -3.54
CA PHE D 126 26.32 -5.49 -2.40
C PHE D 126 25.46 -4.26 -2.63
N LYS D 127 24.48 -4.03 -1.76
CA LYS D 127 23.59 -2.87 -1.84
C LYS D 127 24.08 -1.79 -0.89
N PHE D 128 24.20 -0.56 -1.38
CA PHE D 128 24.57 0.55 -0.52
C PHE D 128 24.15 1.85 -1.18
N ASN D 129 24.13 2.92 -0.39
CA ASN D 129 23.85 4.25 -0.88
C ASN D 129 25.15 5.04 -1.01
N VAL D 130 25.31 5.74 -2.13
CA VAL D 130 26.48 6.59 -2.36
C VAL D 130 26.08 8.02 -2.05
N LEU D 131 26.87 8.69 -1.20
CA LEU D 131 26.71 10.12 -1.00
C LEU D 131 27.91 10.86 -1.55
N HIS D 132 27.66 11.89 -2.35
CA HIS D 132 28.75 12.74 -2.81
C HIS D 132 29.01 13.79 -1.72
N THR D 133 30.16 13.69 -1.04
CA THR D 133 30.46 14.53 0.12
C THR D 133 31.77 15.28 -0.10
N PRO D 134 31.80 16.22 -1.04
CA PRO D 134 33.05 16.92 -1.37
C PRO D 134 33.40 17.95 -0.31
N GLY D 135 34.55 18.60 -0.52
CA GLY D 135 35.04 19.61 0.39
C GLY D 135 36.46 19.31 0.81
N HIS D 136 36.71 18.07 1.22
CA HIS D 136 38.08 17.65 1.41
C HIS D 136 38.72 17.32 0.07
N SER D 137 37.97 16.69 -0.83
CA SER D 137 38.38 16.54 -2.21
C SER D 137 37.13 16.56 -3.07
N PRO D 138 37.26 16.90 -4.35
CA PRO D 138 36.05 17.16 -5.16
C PRO D 138 35.26 15.92 -5.53
N GLY D 139 35.85 14.73 -5.44
CA GLY D 139 35.14 13.49 -5.71
C GLY D 139 34.96 12.58 -4.50
N SER D 140 35.02 13.15 -3.29
CA SER D 140 34.83 12.36 -2.08
C SER D 140 33.44 11.75 -2.06
N LEU D 141 33.41 10.44 -1.83
CA LEU D 141 32.18 9.67 -1.74
C LEU D 141 32.11 9.02 -0.36
N THR D 142 30.90 9.00 0.19
CA THR D 142 30.57 8.28 1.43
C THR D 142 29.68 7.12 1.05
N TYR D 143 29.99 5.95 1.56
CA TYR D 143 29.28 4.72 1.22
C TYR D 143 28.45 4.29 2.43
N VAL D 144 27.13 4.25 2.28
CA VAL D 144 26.22 4.01 3.40
C VAL D 144 25.67 2.60 3.24
N PHE D 145 26.03 1.73 4.17
CA PHE D 145 25.47 0.40 4.21
C PHE D 145 24.37 0.36 5.26
N ASP D 146 23.69 -0.78 5.34
CA ASP D 146 22.60 -0.95 6.30
C ASP D 146 23.04 -0.69 7.75
N GLU D 147 24.22 -1.17 8.15
CA GLU D 147 24.63 -1.10 9.54
C GLU D 147 25.84 -0.22 9.81
N PHE D 148 26.43 0.41 8.81
CA PHE D 148 27.59 1.27 9.01
C PHE D 148 27.74 2.14 7.78
N ALA D 149 28.54 3.20 7.90
CA ALA D 149 28.91 4.00 6.74
C ALA D 149 30.42 4.20 6.74
N VAL D 150 31.00 4.32 5.55
CA VAL D 150 32.43 4.57 5.38
C VAL D 150 32.57 5.95 4.75
N VAL D 151 33.16 6.89 5.50
CA VAL D 151 33.02 8.31 5.18
C VAL D 151 34.29 8.93 4.61
N GLY D 152 35.36 8.18 4.44
CA GLY D 152 36.56 8.83 3.89
C GLY D 152 37.12 9.89 4.82
N ASP D 153 37.75 10.91 4.22
CA ASP D 153 38.40 11.96 5.00
C ASP D 153 37.50 13.18 5.18
N THR D 154 36.27 12.94 5.67
CA THR D 154 35.29 14.01 5.84
C THR D 154 35.11 14.33 7.32
N LEU D 155 34.41 13.48 8.04
CA LEU D 155 34.20 13.63 9.47
C LEU D 155 35.06 12.60 10.19
N PHE D 156 35.96 13.07 11.04
CA PHE D 156 36.78 12.22 11.90
C PHE D 156 36.19 12.21 13.31
N ASN D 157 36.66 11.27 14.14
CA ASN D 157 36.26 11.35 15.54
C ASN D 157 36.83 12.64 16.15
N ASN D 158 35.97 13.60 16.53
CA ASN D 158 36.40 14.89 17.07
C ASN D 158 37.37 15.61 16.14
N GLY D 159 37.12 15.54 14.83
CA GLY D 159 37.95 16.25 13.88
C GLY D 159 37.27 16.34 12.54
N ILE D 160 37.94 16.97 11.58
CA ILE D 160 37.45 16.99 10.20
C ILE D 160 38.61 16.91 9.23
N GLY D 161 38.29 16.55 8.00
CA GLY D 161 39.31 16.47 6.97
C GLY D 161 39.85 17.85 6.67
N ARG D 162 41.15 17.90 6.33
CA ARG D 162 41.72 19.18 5.97
C ARG D 162 41.13 19.66 4.66
N THR D 163 41.10 20.98 4.49
CA THR D 163 40.45 21.60 3.34
C THR D 163 41.41 22.52 2.59
N ASP D 164 42.71 22.34 2.77
CA ASP D 164 43.73 23.15 2.11
C ASP D 164 44.43 22.40 1.00
N LEU D 165 43.97 21.21 0.64
CA LEU D 165 44.57 20.44 -0.43
C LEU D 165 43.97 20.86 -1.76
N TYR D 166 44.34 20.16 -2.84
CA TYR D 166 43.92 20.56 -4.17
C TYR D 166 42.40 20.45 -4.29
N LYS D 167 41.77 21.57 -4.68
CA LYS D 167 40.32 21.70 -4.80
C LYS D 167 39.58 21.46 -3.48
N GLY D 168 40.28 21.57 -2.35
CA GLY D 168 39.60 21.56 -1.07
C GLY D 168 38.90 22.88 -0.78
N ASP D 169 37.83 22.81 0.01
CA ASP D 169 37.12 24.03 0.40
C ASP D 169 36.39 23.78 1.71
N TYR D 170 36.61 24.66 2.70
CA TYR D 170 36.09 24.43 4.05
C TYR D 170 34.57 24.46 4.09
N GLU D 171 33.95 25.50 3.52
CA GLU D 171 32.50 25.59 3.62
C GLU D 171 31.81 24.44 2.88
N THR D 172 32.41 23.97 1.78
CA THR D 172 31.85 22.83 1.07
C THR D 172 31.87 21.59 1.95
N LEU D 173 32.97 21.34 2.65
CA LEU D 173 33.03 20.17 3.52
C LEU D 173 32.04 20.30 4.67
N VAL D 174 31.93 21.49 5.27
CA VAL D 174 30.95 21.67 6.34
C VAL D 174 29.55 21.35 5.85
N ASP D 175 29.22 21.80 4.64
CA ASP D 175 27.91 21.50 4.06
C ASP D 175 27.72 20.01 3.84
N SER D 176 28.75 19.33 3.32
CA SER D 176 28.66 17.89 3.11
C SER D 176 28.39 17.15 4.40
N ILE D 177 29.08 17.53 5.47
CA ILE D 177 28.92 16.82 6.72
C ILE D 177 27.55 17.08 7.32
N GLN D 178 27.17 18.36 7.38
CA GLN D 178 25.94 18.81 8.03
C GLN D 178 24.69 18.46 7.23
N ASP D 179 24.77 18.54 5.90
CA ASP D 179 23.57 18.33 5.08
C ASP D 179 23.37 16.89 4.65
N LYS D 180 24.43 16.10 4.57
CA LYS D 180 24.28 14.72 4.12
C LYS D 180 24.66 13.73 5.21
N ILE D 181 25.88 13.79 5.74
CA ILE D 181 26.31 12.78 6.70
C ILE D 181 25.49 12.88 7.99
N PHE D 182 25.18 14.10 8.42
CA PHE D 182 24.38 14.31 9.61
C PHE D 182 22.92 13.92 9.43
N GLU D 183 22.51 13.49 8.24
CA GLU D 183 21.16 12.94 8.05
C GLU D 183 21.12 11.43 8.27
N LEU D 184 22.28 10.81 8.49
CA LEU D 184 22.33 9.38 8.77
C LEU D 184 21.79 9.09 10.18
N GLU D 185 21.51 7.82 10.45
CA GLU D 185 21.04 7.41 11.77
C GLU D 185 22.04 7.85 12.83
N GLY D 186 21.52 8.35 13.95
CA GLY D 186 22.36 9.04 14.91
C GLY D 186 23.40 8.16 15.56
N ASP D 187 23.10 6.86 15.69
CA ASP D 187 24.01 5.90 16.29
C ASP D 187 24.70 5.03 15.25
N LEU D 188 24.54 5.33 13.98
CA LEU D 188 25.15 4.50 12.94
C LEU D 188 26.66 4.63 12.98
N PRO D 189 27.41 3.54 13.06
CA PRO D 189 28.87 3.67 13.13
C PRO D 189 29.40 4.26 11.83
N LEU D 190 30.22 5.31 11.98
CA LEU D 190 30.88 5.96 10.85
C LEU D 190 32.36 5.61 10.85
N PHE D 191 32.85 5.07 9.74
CA PHE D 191 34.24 4.62 9.66
C PHE D 191 35.04 5.53 8.73
N PRO D 192 35.84 6.45 9.27
CA PRO D 192 36.54 7.40 8.39
C PRO D 192 37.89 6.90 7.92
N GLY D 193 38.58 7.74 7.14
CA GLY D 193 39.82 7.30 6.53
C GLY D 193 40.97 7.21 7.51
N HIS D 194 40.86 7.89 8.65
CA HIS D 194 41.92 7.94 9.65
C HIS D 194 41.28 8.04 11.03
N GLY D 195 41.95 7.46 12.01
CA GLY D 195 41.49 7.50 13.37
C GLY D 195 40.33 6.56 13.64
N PRO D 196 39.78 6.63 14.84
CA PRO D 196 38.73 5.68 15.23
C PRO D 196 37.38 6.08 14.70
N TYR D 197 36.43 5.17 14.85
CA TYR D 197 35.07 5.38 14.42
C TYR D 197 34.38 6.44 15.29
N THR D 198 33.25 6.93 14.79
CA THR D 198 32.38 7.82 15.56
C THR D 198 30.95 7.70 15.03
N THR D 199 30.08 8.61 15.46
CA THR D 199 28.69 8.64 15.04
C THR D 199 28.22 10.08 14.86
N VAL D 200 27.10 10.22 14.15
CA VAL D 200 26.45 11.51 13.96
C VAL D 200 26.13 12.15 15.31
N ASP D 201 25.50 11.37 16.22
CA ASP D 201 25.16 11.92 17.53
C ASP D 201 26.40 12.35 18.28
N ASP D 202 27.48 11.59 18.18
CA ASP D 202 28.68 11.97 18.91
C ASP D 202 29.34 13.23 18.35
N GLU D 203 29.11 13.57 17.10
CA GLU D 203 29.79 14.70 16.49
C GLU D 203 28.90 15.93 16.37
N GLN D 204 27.74 15.94 17.02
CA GLN D 204 26.83 17.07 16.91
C GLN D 204 27.52 18.37 17.28
N LEU D 205 28.39 18.33 18.28
CA LEU D 205 29.08 19.51 18.79
C LEU D 205 30.56 19.53 18.37
N ASN D 206 30.89 18.86 17.27
CA ASN D 206 32.23 18.91 16.69
C ASN D 206 32.62 20.37 16.50
N PRO D 207 33.72 20.82 17.10
CA PRO D 207 34.06 22.25 17.07
C PRO D 207 34.66 22.73 15.76
N PHE D 208 35.03 21.81 14.86
CA PHE D 208 35.58 22.21 13.57
C PHE D 208 34.48 22.58 12.57
N LEU D 209 33.22 22.33 12.93
CA LEU D 209 32.07 22.66 12.09
C LEU D 209 31.53 24.04 12.45
N HIS D 210 31.39 24.88 11.45
CA HIS D 210 30.98 26.26 11.63
C HIS D 210 30.58 26.86 10.29
#